data_8U4P
#
_entry.id   8U4P
#
_cell.length_a   1.00
_cell.length_b   1.00
_cell.length_c   1.00
_cell.angle_alpha   90.00
_cell.angle_beta   90.00
_cell.angle_gamma   90.00
#
_symmetry.space_group_name_H-M   'P 1'
#
loop_
_entity.id
_entity.type
_entity.pdbx_description
1 polymer 'Guanine nucleotide-binding protein G(i) subunit alpha-1'
2 polymer 'Guanine nucleotide-binding protein G(I)/G(S)/G(T) subunit beta-1'
3 polymer 'Guanine nucleotide-binding protein G(I)/G(S)/G(O) subunit gamma-2'
4 polymer 'C-X-C chemokine receptor type 4'
5 non-polymer CHOLESTEROL
6 non-polymer Plerixafor
#
loop_
_entity_poly.entity_id
_entity_poly.type
_entity_poly.pdbx_seq_one_letter_code
_entity_poly.pdbx_strand_id
1 'polypeptide(L)'
;MHHHHHHGGGGSGCTLSAEDKAAVERSKMIDRNLREDGEKAAREVKLLLLGAGESGKCTIVKQMKIIHEAGYSEEECKQY
KAVVYSNTIQSIIAIIRAMGRLKIDFGDSARADDARQLFVLAGAAEEGFMTAELAGVIKRLWKDSGVQACFNRSREYQLN
DSAAYYLNDLDRIAQPNYIPTQQDVLRTRVKTTGIVETHFTFKDLHFKMFDVTAQRSERKKWIHCFEGVTAIIFCVALSD
YDLVLAEDEEMNRMHASMKLFDSICNNKWFTDTSIILFLNKKDLFEEKIKKSPLTICYPEYAGSNTYEEAAAYIQCQFED
LNKRKDTKEIYTHFTCSTDTKNVQFVFDAVTDVIIKNNLKDCGLF
;
A
2 'polypeptide(L)'
;MHHHHHHGSSGSELDQLRQEAEQLKNQIRDARKACADATLSQITNNIDPVGRIQMRTRRTLRGHLAKIYAMHWGTDSRLL
VSASQDGKLIIWDSYTTNKVHAIPLRSSWVMTCAYAPSGNYVACGGLDNICSIYNLKTREGNVRVSRELAGHTGYLSCCR
FLDDNQIVTSSGDTTCALWDIETGQQTTTFTGHTGDVMSLSLAPDTRLFVSGACDASAKLWDVREGMCRQTFTGHESDIN
AICFFPNGNAFATGSDDATCRLFDLRADQELMTYSHDNIICGITSVSFSKSGRLLLAGYDDFNCNVWDALKADRAGVLAG
HDNRVSCLGVTDDGMAVATGSWDSFLKIWN
;
B
3 'polypeptide(L)' MASNNTASIAQARKLVEQLKMEANIDRIKVSKAAADLMAYCEAHAKEDPLLTPVPASENPFREKKFFCAIL C
4 'polypeptide(L)'
;MKTIIALSYIFCLVFAGAPEGISIYTSDNYTEEMGSGDYDSMKEPCFREENANFNKIFLPTIYSIIFLTGIVGNGLVILV
MGYQKKLRSMTDKYRLHLSVADLLFVITLPFWAVDAVANWYFGNFLCKAVHVIYTVSLYSSVLILAFISLDRYLAIVHAT
NSQRPRKLLAEKVVYVGVWIPALLLTIPDFIFANVSEADDRYICDRFYPNDLWVVVFQFQHIMVGLILPGIVILSCYCII
ISKLSHSKGHQKRKALKTTVILILAFFACWLPYYIGISIDSFILLEIIKQGCEFENTVHKWISITEALAFFHCCLNPILY
AFLGAKFKTSAQHALTSVSRGSSLKILSKGKRGGHSSVSTESESSSFHSSGRPLEVLFQGPGGGGSVSKGEELFTGVVPI
LVELDGDVNGHKFSVSGEGEGDATYGKLTLKFICTTGKLPVPWPTLVTTLTYGVQCFSRYPDHMKQHDFFKSAMPEGYVQ
ERTIFFKDDGNYKTRAEVKFEGDTLVNRIELKGIDFKEDGNILGHKLEYNYNSHNVYIMADKQKNGIKVNFKIRHNIEDG
SVQLADHYQQNTPIGDGPVLLPDNHYLSTQSKLSKDPNEKRDHMVLLEFVTAAGITLGMDELYKDYKDDDDK
;
R
#
loop_
_chem_comp.id
_chem_comp.type
_chem_comp.name
_chem_comp.formula
CLR non-polymer CHOLESTEROL 'C27 H46 O'
VH6 non-polymer Plerixafor 'C28 H54 N8'
#
# COMPACT_ATOMS: atom_id res chain seq x y z
N SER A 17 35.11 -17.21 8.36
CA SER A 17 34.30 -16.03 8.07
C SER A 17 33.21 -15.85 9.11
N ALA A 18 33.61 -15.64 10.36
CA ALA A 18 32.64 -15.43 11.43
C ALA A 18 31.95 -14.09 11.33
N GLU A 19 32.58 -13.11 10.68
CA GLU A 19 31.96 -11.80 10.53
C GLU A 19 30.67 -11.88 9.72
N ASP A 20 30.68 -12.65 8.63
CA ASP A 20 29.47 -12.80 7.83
C ASP A 20 28.35 -13.48 8.62
N LYS A 21 28.69 -14.51 9.39
CA LYS A 21 27.67 -15.17 10.21
C LYS A 21 27.11 -14.24 11.26
N ALA A 22 27.98 -13.43 11.89
CA ALA A 22 27.50 -12.46 12.87
C ALA A 22 26.59 -11.43 12.23
N ALA A 23 26.95 -10.97 11.03
CA ALA A 23 26.11 -10.00 10.32
C ALA A 23 24.75 -10.61 9.98
N VAL A 24 24.74 -11.87 9.52
CA VAL A 24 23.47 -12.51 9.19
C VAL A 24 22.61 -12.69 10.44
N GLU A 25 23.23 -13.08 11.55
CA GLU A 25 22.47 -13.24 12.80
C GLU A 25 21.89 -11.92 13.26
N ARG A 26 22.67 -10.84 13.20
CA ARG A 26 22.17 -9.53 13.59
C ARG A 26 21.03 -9.09 12.68
N SER A 27 21.16 -9.34 11.36
CA SER A 27 20.08 -9.00 10.44
C SER A 27 18.82 -9.77 10.76
N LYS A 28 18.93 -11.07 11.06
CA LYS A 28 17.76 -11.86 11.42
C LYS A 28 17.12 -11.34 12.69
N MET A 29 17.94 -10.98 13.69
CA MET A 29 17.39 -10.49 14.95
C MET A 29 16.63 -9.18 14.75
N ILE A 30 17.22 -8.25 14.00
CA ILE A 30 16.53 -6.97 13.80
C ILE A 30 15.31 -7.14 12.90
N ASP A 31 15.35 -8.10 11.96
CA ASP A 31 14.16 -8.38 11.18
C ASP A 31 13.03 -8.93 12.05
N ARG A 32 13.36 -9.80 12.99
CA ARG A 32 12.35 -10.30 13.93
C ARG A 32 11.79 -9.17 14.77
N ASN A 33 12.66 -8.26 15.23
CA ASN A 33 12.18 -7.11 16.00
C ASN A 33 11.25 -6.24 15.17
N LEU A 34 11.59 -6.02 13.90
CA LEU A 34 10.73 -5.23 13.01
C LEU A 34 9.37 -5.90 12.83
N ARG A 35 9.37 -7.23 12.65
CA ARG A 35 8.10 -7.95 12.50
C ARG A 35 7.25 -7.83 13.75
N GLU A 36 7.87 -7.97 14.93
CA GLU A 36 7.11 -7.82 16.17
C GLU A 36 6.55 -6.41 16.31
N ASP A 37 7.35 -5.39 15.99
CA ASP A 37 6.88 -4.02 16.07
C ASP A 37 5.71 -3.78 15.13
N GLY A 38 5.80 -4.30 13.91
CA GLY A 38 4.70 -4.15 12.97
C GLY A 38 3.43 -4.84 13.42
N GLU A 39 3.56 -6.05 13.98
CA GLU A 39 2.40 -6.76 14.48
C GLU A 39 1.77 -6.01 15.65
N LYS A 40 2.58 -5.41 16.51
CA LYS A 40 2.04 -4.63 17.62
C LYS A 40 1.36 -3.36 17.12
N ALA A 41 1.93 -2.71 16.10
CA ALA A 41 1.38 -1.47 15.60
C ALA A 41 0.10 -1.68 14.79
N ALA A 42 -0.05 -2.85 14.18
CA ALA A 42 -1.26 -3.11 13.39
C ALA A 42 -2.50 -3.29 14.25
N ARG A 43 -2.36 -3.39 15.57
CA ARG A 43 -3.48 -3.59 16.47
C ARG A 43 -4.05 -2.27 17.00
N GLU A 44 -3.46 -1.14 16.64
CA GLU A 44 -3.88 0.16 17.17
C GLU A 44 -4.84 0.86 16.21
N VAL A 45 -5.57 1.83 16.74
CA VAL A 45 -6.50 2.64 15.97
C VAL A 45 -5.94 4.03 15.82
N LYS A 46 -6.02 4.58 14.60
CA LYS A 46 -5.50 5.90 14.29
C LYS A 46 -6.63 6.77 13.75
N LEU A 47 -6.80 7.95 14.33
CA LEU A 47 -7.84 8.89 13.93
C LEU A 47 -7.21 10.23 13.60
N LEU A 48 -7.72 10.88 12.56
CA LEU A 48 -7.21 12.18 12.12
C LEU A 48 -8.26 13.25 12.39
N LEU A 49 -7.88 14.30 13.12
CA LEU A 49 -8.80 15.37 13.47
C LEU A 49 -8.73 16.49 12.44
N LEU A 50 -9.89 16.88 11.93
CA LEU A 50 -10.02 18.07 11.10
C LEU A 50 -11.08 18.97 11.72
N GLY A 51 -11.06 20.24 11.32
CA GLY A 51 -11.94 21.21 11.96
C GLY A 51 -12.40 22.33 11.06
N ALA A 52 -12.36 23.55 11.58
CA ALA A 52 -12.84 24.73 10.90
C ALA A 52 -12.00 25.92 11.37
N GLY A 53 -12.52 27.14 11.20
CA GLY A 53 -11.83 28.31 11.71
C GLY A 53 -11.55 28.22 13.20
N GLU A 54 -12.38 27.50 13.94
CA GLU A 54 -12.12 27.23 15.35
C GLU A 54 -11.20 26.03 15.56
N SER A 55 -10.79 25.37 14.48
CA SER A 55 -9.81 24.29 14.46
C SER A 55 -10.37 22.98 15.03
N GLY A 56 -11.57 23.03 15.60
CA GLY A 56 -12.22 21.81 16.06
C GLY A 56 -11.41 21.00 17.04
N LYS A 57 -10.77 21.63 18.01
CA LYS A 57 -9.87 20.94 18.92
C LYS A 57 -10.11 21.34 20.38
N CYS A 58 -11.35 21.68 20.73
CA CYS A 58 -11.67 22.14 22.08
C CYS A 58 -12.13 20.99 22.97
N THR A 59 -13.24 20.36 22.61
CA THR A 59 -13.83 19.33 23.47
C THR A 59 -13.04 18.03 23.41
N ILE A 60 -12.64 17.59 22.21
CA ILE A 60 -12.07 16.26 22.05
C ILE A 60 -10.72 16.16 22.74
N VAL A 61 -9.90 17.22 22.64
CA VAL A 61 -8.59 17.18 23.28
C VAL A 61 -8.73 17.08 24.80
N LYS A 62 -9.66 17.84 25.38
CA LYS A 62 -9.80 17.85 26.83
C LYS A 62 -10.48 16.60 27.36
N GLN A 63 -11.39 15.98 26.61
CA GLN A 63 -12.04 14.78 27.13
C GLN A 63 -11.10 13.59 27.09
N MET A 64 -10.14 13.59 26.17
CA MET A 64 -9.13 12.54 26.07
C MET A 64 -9.75 11.16 25.88
N THR A 193 6.09 20.11 16.80
CA THR A 193 5.36 21.34 17.01
C THR A 193 4.28 21.53 15.95
N GLY A 194 4.38 20.77 14.86
CA GLY A 194 3.43 20.87 13.78
C GLY A 194 2.21 19.98 13.97
N ILE A 195 2.44 18.68 14.15
CA ILE A 195 1.37 17.72 14.36
C ILE A 195 1.43 17.25 15.81
N VAL A 196 0.27 17.19 16.45
CA VAL A 196 0.16 16.82 17.86
C VAL A 196 -0.49 15.45 17.95
N GLU A 197 0.17 14.53 18.65
CA GLU A 197 -0.32 13.16 18.82
C GLU A 197 -0.84 12.99 20.24
N THR A 198 -2.07 12.48 20.36
CA THR A 198 -2.70 12.22 21.64
C THR A 198 -3.03 10.74 21.74
N HIS A 199 -2.58 10.09 22.81
CA HIS A 199 -2.79 8.66 23.00
C HIS A 199 -3.76 8.44 24.15
N PHE A 200 -4.66 7.47 23.99
CA PHE A 200 -5.46 7.03 25.12
C PHE A 200 -5.92 5.60 24.87
N THR A 201 -6.53 5.02 25.90
CA THR A 201 -6.98 3.63 25.85
C THR A 201 -8.38 3.52 26.43
N PHE A 202 -9.29 2.95 25.66
CA PHE A 202 -10.67 2.77 26.09
C PHE A 202 -11.11 1.35 25.77
N LYS A 203 -11.50 0.60 26.80
CA LYS A 203 -12.00 -0.76 26.66
C LYS A 203 -10.99 -1.66 25.94
N ASP A 204 -9.75 -1.64 26.44
CA ASP A 204 -8.67 -2.48 25.92
C ASP A 204 -8.43 -2.21 24.43
N LEU A 205 -8.49 -0.94 24.04
CA LEU A 205 -8.22 -0.53 22.67
C LEU A 205 -7.38 0.74 22.71
N HIS A 206 -6.32 0.79 21.90
CA HIS A 206 -5.39 1.90 21.90
C HIS A 206 -5.72 2.85 20.76
N PHE A 207 -6.10 4.08 21.12
CA PHE A 207 -6.45 5.12 20.15
C PHE A 207 -5.35 6.17 20.11
N LYS A 208 -4.91 6.49 18.89
CA LYS A 208 -4.01 7.60 18.64
C LYS A 208 -4.75 8.64 17.80
N MET A 209 -4.56 9.91 18.13
CA MET A 209 -5.29 11.00 17.52
C MET A 209 -4.30 12.04 17.01
N PHE A 210 -4.37 12.37 15.73
CA PHE A 210 -3.44 13.29 15.09
C PHE A 210 -4.14 14.60 14.80
N ASP A 211 -3.61 15.68 15.38
CA ASP A 211 -4.13 17.03 15.19
C ASP A 211 -3.14 17.81 14.34
N VAL A 212 -3.62 18.35 13.21
CA VAL A 212 -2.75 19.01 12.24
C VAL A 212 -3.21 20.44 11.99
N THR A 213 -3.84 21.06 12.97
CA THR A 213 -4.30 22.44 12.82
C THR A 213 -3.16 23.45 12.83
N ALA A 214 -1.95 23.04 13.21
CA ALA A 214 -0.80 23.92 13.20
C ALA A 214 -0.02 23.86 11.89
N GLN A 215 -0.52 23.11 10.90
CA GLN A 215 0.14 22.97 9.60
C GLN A 215 -0.58 23.90 8.62
N ARG A 216 -0.08 25.12 8.51
CA ARG A 216 -0.67 26.14 7.65
C ARG A 216 -0.02 26.17 6.27
N SER A 217 0.53 25.04 5.82
CA SER A 217 1.13 24.95 4.50
C SER A 217 0.08 24.50 3.49
N GLU A 218 0.51 24.14 2.29
CA GLU A 218 -0.41 23.63 1.28
C GLU A 218 -0.94 22.27 1.70
N ARG A 219 -2.25 22.15 1.85
CA ARG A 219 -2.85 20.90 2.29
C ARG A 219 -2.63 19.79 1.27
N LYS A 220 -2.52 20.13 -0.02
CA LYS A 220 -2.35 19.13 -1.05
C LYS A 220 -1.01 18.43 -0.97
N LYS A 221 -0.01 19.05 -0.35
CA LYS A 221 1.34 18.51 -0.35
C LYS A 221 1.62 17.53 0.77
N TRP A 222 0.71 17.39 1.74
CA TRP A 222 0.93 16.42 2.82
C TRP A 222 -0.34 15.66 3.20
N ILE A 223 -1.43 15.78 2.44
CA ILE A 223 -2.66 15.09 2.81
C ILE A 223 -2.62 13.62 2.42
N HIS A 224 -1.68 13.20 1.57
CA HIS A 224 -1.57 11.80 1.21
C HIS A 224 -0.81 10.99 2.25
N CYS A 225 -0.16 11.64 3.21
CA CYS A 225 0.52 10.91 4.27
C CYS A 225 -0.47 10.20 5.19
N PHE A 226 -1.69 10.72 5.29
CA PHE A 226 -2.70 10.17 6.18
C PHE A 226 -3.63 9.17 5.49
N GLU A 227 -3.36 8.83 4.23
CA GLU A 227 -4.16 7.83 3.54
C GLU A 227 -3.97 6.47 4.22
N GLY A 228 -5.04 5.95 4.80
CA GLY A 228 -4.99 4.71 5.56
C GLY A 228 -5.36 4.85 7.02
N VAL A 229 -5.67 6.05 7.52
CA VAL A 229 -6.14 6.19 8.89
C VAL A 229 -7.50 5.53 9.02
N THR A 230 -7.82 5.10 10.24
CA THR A 230 -9.09 4.41 10.48
C THR A 230 -10.28 5.32 10.23
N ALA A 231 -10.20 6.57 10.70
CA ALA A 231 -11.34 7.48 10.54
C ALA A 231 -10.87 8.93 10.65
N ILE A 232 -11.71 9.82 10.15
CA ILE A 232 -11.50 11.26 10.23
C ILE A 232 -12.59 11.85 11.09
N ILE A 233 -12.20 12.54 12.16
CA ILE A 233 -13.15 13.20 13.06
C ILE A 233 -13.25 14.66 12.65
N PHE A 234 -14.46 15.07 12.26
CA PHE A 234 -14.72 16.42 11.77
C PHE A 234 -15.64 17.13 12.73
N CYS A 235 -15.24 18.32 13.18
CA CYS A 235 -15.99 19.12 14.14
C CYS A 235 -16.67 20.29 13.43
N VAL A 236 -17.95 20.49 13.73
CA VAL A 236 -18.71 21.62 13.21
C VAL A 236 -19.35 22.34 14.37
N ALA A 237 -19.20 23.66 14.42
CA ALA A 237 -19.80 24.49 15.47
C ALA A 237 -21.23 24.81 15.06
N LEU A 238 -22.20 24.25 15.79
CA LEU A 238 -23.60 24.51 15.48
C LEU A 238 -23.97 25.98 15.69
N SER A 239 -23.48 26.58 16.78
CA SER A 239 -23.78 27.98 17.07
C SER A 239 -22.81 28.89 16.32
N ASP A 240 -22.74 28.71 15.00
CA ASP A 240 -21.80 29.46 14.18
C ASP A 240 -22.40 29.87 12.85
N TYR A 241 -23.68 29.61 12.60
CA TYR A 241 -24.28 29.93 11.30
C TYR A 241 -24.35 31.44 11.08
N ASP A 242 -24.77 32.19 12.09
CA ASP A 242 -24.92 33.64 11.94
C ASP A 242 -23.66 34.39 12.36
N LEU A 243 -22.52 33.96 11.83
CA LEU A 243 -21.24 34.62 12.05
C LEU A 243 -20.50 34.72 10.72
N VAL A 244 -19.62 35.71 10.62
CA VAL A 244 -18.82 35.91 9.42
C VAL A 244 -17.35 35.85 9.80
N LEU A 245 -16.52 35.49 8.83
CA LEU A 245 -15.08 35.40 9.07
C LEU A 245 -14.50 36.77 9.34
N ALA A 246 -13.55 36.84 10.26
CA ALA A 246 -12.87 38.11 10.55
C ALA A 246 -12.08 38.59 9.36
N GLU A 247 -11.41 37.68 8.65
CA GLU A 247 -10.62 38.07 7.48
C GLU A 247 -11.51 38.56 6.35
N ASP A 248 -12.57 37.81 6.04
CA ASP A 248 -13.50 38.16 4.96
C ASP A 248 -14.90 38.16 5.55
N GLU A 249 -15.50 39.36 5.64
CA GLU A 249 -16.84 39.47 6.20
C GLU A 249 -17.93 38.97 5.25
N GLU A 250 -17.63 38.91 3.96
CA GLU A 250 -18.65 38.47 3.00
C GLU A 250 -18.97 36.99 3.16
N MET A 251 -17.96 36.16 3.37
CA MET A 251 -18.16 34.72 3.41
C MET A 251 -18.72 34.29 4.76
N ASN A 252 -19.71 33.39 4.72
CA ASN A 252 -20.30 32.84 5.92
C ASN A 252 -19.37 31.79 6.53
N ARG A 253 -19.41 31.68 7.86
CA ARG A 253 -18.57 30.71 8.54
C ARG A 253 -19.05 29.29 8.30
N MET A 254 -20.36 29.05 8.44
CA MET A 254 -20.88 27.71 8.19
C MET A 254 -20.76 27.33 6.73
N HIS A 255 -20.84 28.30 5.81
CA HIS A 255 -20.58 28.00 4.40
C HIS A 255 -19.15 27.53 4.19
N ALA A 256 -18.19 28.16 4.86
CA ALA A 256 -16.81 27.71 4.78
C ALA A 256 -16.65 26.32 5.37
N SER A 257 -17.35 26.05 6.48
CA SER A 257 -17.29 24.70 7.07
C SER A 257 -17.83 23.66 6.10
N MET A 258 -18.97 23.94 5.46
CA MET A 258 -19.52 23.01 4.48
C MET A 258 -18.59 22.82 3.30
N LYS A 259 -17.97 23.92 2.83
CA LYS A 259 -17.03 23.82 1.72
C LYS A 259 -15.85 22.92 2.07
N LEU A 260 -15.29 23.09 3.27
CA LEU A 260 -14.14 22.29 3.66
C LEU A 260 -14.54 20.83 3.87
N PHE A 261 -15.73 20.59 4.43
CA PHE A 261 -16.21 19.22 4.59
C PHE A 261 -16.40 18.56 3.24
N ASP A 262 -16.96 19.28 2.26
CA ASP A 262 -17.13 18.74 0.92
C ASP A 262 -15.79 18.45 0.27
N SER A 263 -14.82 19.35 0.45
CA SER A 263 -13.49 19.13 -0.13
C SER A 263 -12.82 17.91 0.47
N ILE A 264 -12.94 17.72 1.79
CA ILE A 264 -12.29 16.58 2.45
C ILE A 264 -12.98 15.27 2.07
N CYS A 265 -14.32 15.26 2.08
CA CYS A 265 -15.05 14.02 1.87
C CYS A 265 -14.79 13.44 0.48
N ASN A 266 -14.78 14.29 -0.55
CA ASN A 266 -14.65 13.84 -1.93
C ASN A 266 -13.20 13.83 -2.40
N ASN A 267 -12.24 13.82 -1.48
CA ASN A 267 -10.84 13.71 -1.85
C ASN A 267 -10.56 12.33 -2.44
N LYS A 268 -9.57 12.28 -3.35
CA LYS A 268 -9.23 11.01 -3.98
C LYS A 268 -8.55 10.06 -3.01
N TRP A 269 -7.86 10.60 -1.99
CA TRP A 269 -7.19 9.74 -1.02
C TRP A 269 -8.18 9.14 -0.03
N PHE A 270 -9.20 9.89 0.37
CA PHE A 270 -10.17 9.44 1.36
C PHE A 270 -11.41 8.93 0.65
N THR A 271 -11.29 7.73 0.08
CA THR A 271 -12.40 7.06 -0.59
C THR A 271 -13.09 6.04 0.32
N ASP A 272 -12.32 5.18 0.96
CA ASP A 272 -12.84 4.18 1.88
C ASP A 272 -12.73 4.61 3.35
N THR A 273 -12.28 5.83 3.61
CA THR A 273 -12.07 6.29 4.98
C THR A 273 -13.35 6.95 5.50
N SER A 274 -13.83 6.46 6.64
CA SER A 274 -15.07 6.95 7.21
C SER A 274 -14.85 8.25 7.97
N ILE A 275 -15.95 9.00 8.13
CA ILE A 275 -15.94 10.31 8.78
C ILE A 275 -16.90 10.25 9.95
N ILE A 276 -16.44 10.70 11.12
CA ILE A 276 -17.28 10.85 12.31
C ILE A 276 -17.49 12.34 12.52
N LEU A 277 -18.76 12.76 12.49
CA LEU A 277 -19.11 14.17 12.57
C LEU A 277 -19.57 14.51 13.98
N PHE A 278 -18.93 15.51 14.58
CA PHE A 278 -19.29 16.01 15.90
C PHE A 278 -19.80 17.44 15.76
N LEU A 279 -21.04 17.66 16.18
CA LEU A 279 -21.66 18.99 16.14
C LEU A 279 -21.59 19.58 17.54
N ASN A 280 -20.61 20.44 17.76
CA ASN A 280 -20.36 21.02 19.07
C ASN A 280 -21.27 22.22 19.32
N LYS A 281 -21.32 22.64 20.58
CA LYS A 281 -22.04 23.85 21.01
C LYS A 281 -23.52 23.77 20.64
N LYS A 282 -24.20 22.80 21.24
CA LYS A 282 -25.64 22.63 21.01
C LYS A 282 -26.48 23.43 21.98
N ASP A 283 -26.01 23.65 23.21
CA ASP A 283 -26.78 24.44 24.17
C ASP A 283 -26.83 25.91 23.76
N LEU A 284 -25.68 26.46 23.36
CA LEU A 284 -25.65 27.84 22.90
C LEU A 284 -26.47 28.00 21.62
N PHE A 285 -26.41 27.01 20.73
CA PHE A 285 -27.23 27.05 19.52
C PHE A 285 -28.71 27.05 19.86
N GLU A 286 -29.12 26.21 20.81
CA GLU A 286 -30.53 26.18 21.21
C GLU A 286 -30.96 27.50 21.82
N GLU A 287 -30.10 28.10 22.66
CA GLU A 287 -30.45 29.38 23.28
C GLU A 287 -30.46 30.52 22.26
N LYS A 288 -29.66 30.41 21.20
CA LYS A 288 -29.53 31.50 20.24
C LYS A 288 -30.57 31.45 19.14
N ILE A 289 -31.00 30.25 18.72
CA ILE A 289 -31.85 30.15 17.54
C ILE A 289 -33.22 30.79 17.76
N LYS A 290 -33.70 30.83 19.00
CA LYS A 290 -35.01 31.42 19.25
C LYS A 290 -35.02 32.91 18.92
N LYS A 291 -33.96 33.62 19.29
CA LYS A 291 -33.90 35.06 19.01
C LYS A 291 -33.56 35.35 17.57
N SER A 292 -32.67 34.56 16.97
CA SER A 292 -32.22 34.78 15.60
C SER A 292 -32.72 33.65 14.70
N PRO A 293 -33.59 33.93 13.73
CA PRO A 293 -34.10 32.86 12.87
C PRO A 293 -32.99 32.27 12.00
N LEU A 294 -33.14 30.98 11.69
CA LEU A 294 -32.18 30.27 10.83
C LEU A 294 -32.55 30.51 9.36
N THR A 295 -32.25 31.73 8.91
CA THR A 295 -32.44 32.11 7.51
C THR A 295 -31.26 32.85 6.92
N ILE A 296 -30.33 33.35 7.74
CA ILE A 296 -29.15 34.02 7.21
C ILE A 296 -28.17 33.02 6.60
N CYS A 297 -28.29 31.74 6.94
CA CYS A 297 -27.43 30.70 6.39
C CYS A 297 -28.12 29.83 5.34
N TYR A 298 -29.38 29.47 5.58
CA TYR A 298 -30.15 28.65 4.65
C TYR A 298 -31.39 29.43 4.22
N PRO A 299 -31.32 30.16 3.10
CA PRO A 299 -32.50 30.89 2.63
C PRO A 299 -33.67 30.00 2.24
N GLU A 300 -33.42 28.72 1.96
CA GLU A 300 -34.47 27.80 1.55
C GLU A 300 -35.08 27.04 2.72
N TYR A 301 -34.68 27.33 3.95
CA TYR A 301 -35.25 26.66 5.11
C TYR A 301 -36.71 27.07 5.29
N ALA A 302 -37.57 26.08 5.54
CA ALA A 302 -39.00 26.32 5.76
C ALA A 302 -39.47 25.37 6.85
N GLY A 303 -39.46 25.86 8.09
CA GLY A 303 -39.88 25.03 9.21
C GLY A 303 -39.98 25.87 10.46
N SER A 304 -40.57 25.26 11.49
CA SER A 304 -40.72 25.92 12.78
C SER A 304 -39.36 26.14 13.43
N ASN A 305 -39.24 27.27 14.13
CA ASN A 305 -37.99 27.62 14.82
C ASN A 305 -37.86 26.80 16.10
N THR A 306 -37.60 25.51 15.90
CA THR A 306 -37.40 24.56 16.98
C THR A 306 -36.00 23.98 16.88
N TYR A 307 -35.41 23.70 18.04
CA TYR A 307 -34.03 23.19 18.07
C TYR A 307 -33.93 21.85 17.35
N GLU A 308 -34.89 20.95 17.59
CA GLU A 308 -34.81 19.62 17.00
C GLU A 308 -34.90 19.67 15.48
N GLU A 309 -35.85 20.45 14.96
CA GLU A 309 -36.02 20.53 13.50
C GLU A 309 -34.81 21.14 12.83
N ALA A 310 -34.28 22.23 13.39
CA ALA A 310 -33.10 22.87 12.81
C ALA A 310 -31.88 21.96 12.89
N ALA A 311 -31.72 21.25 14.01
CA ALA A 311 -30.60 20.32 14.13
C ALA A 311 -30.70 19.20 13.10
N ALA A 312 -31.90 18.65 12.91
CA ALA A 312 -32.08 17.62 11.89
C ALA A 312 -31.80 18.16 10.50
N TYR A 313 -32.25 19.39 10.21
CA TYR A 313 -32.00 19.99 8.91
C TYR A 313 -30.50 20.19 8.68
N ILE A 314 -29.78 20.66 9.69
CA ILE A 314 -28.34 20.87 9.55
C ILE A 314 -27.63 19.55 9.32
N GLN A 315 -28.01 18.52 10.09
CA GLN A 315 -27.40 17.21 9.91
C GLN A 315 -27.67 16.66 8.52
N CYS A 316 -28.90 16.83 8.01
CA CYS A 316 -29.22 16.36 6.67
C CYS A 316 -28.42 17.11 5.62
N GLN A 317 -28.27 18.42 5.78
CA GLN A 317 -27.49 19.20 4.83
C GLN A 317 -26.03 18.77 4.83
N PHE A 318 -25.48 18.47 6.01
CA PHE A 318 -24.08 18.04 6.08
C PHE A 318 -23.90 16.64 5.50
N GLU A 319 -24.85 15.74 5.75
CA GLU A 319 -24.74 14.38 5.22
C GLU A 319 -25.06 14.31 3.72
N ASP A 320 -25.75 15.31 3.18
CA ASP A 320 -26.08 15.31 1.76
C ASP A 320 -24.87 15.59 0.88
N LEU A 321 -23.80 16.15 1.44
CA LEU A 321 -22.60 16.46 0.67
C LEU A 321 -21.81 15.22 0.27
N ASN A 322 -22.11 14.07 0.86
CA ASN A 322 -21.40 12.84 0.51
C ASN A 322 -21.84 12.34 -0.86
N LYS A 323 -20.86 11.95 -1.67
CA LYS A 323 -21.12 11.43 -3.01
C LYS A 323 -20.87 9.94 -3.13
N ARG A 324 -19.82 9.42 -2.48
CA ARG A 324 -19.53 7.99 -2.50
C ARG A 324 -20.37 7.29 -1.44
N LYS A 325 -21.66 7.14 -1.74
CA LYS A 325 -22.60 6.58 -0.78
C LYS A 325 -22.40 5.08 -0.57
N ASP A 326 -21.66 4.41 -1.46
CA ASP A 326 -21.53 2.97 -1.42
C ASP A 326 -20.16 2.49 -0.93
N THR A 327 -19.24 3.40 -0.62
CA THR A 327 -17.92 3.01 -0.15
C THR A 327 -17.56 3.58 1.22
N LYS A 328 -18.15 4.71 1.62
CA LYS A 328 -17.86 5.32 2.90
C LYS A 328 -19.15 5.73 3.59
N GLU A 329 -19.09 5.84 4.90
CA GLU A 329 -20.23 6.19 5.72
C GLU A 329 -19.89 7.40 6.59
N ILE A 330 -20.92 8.12 7.01
CA ILE A 330 -20.78 9.30 7.87
C ILE A 330 -21.61 9.06 9.11
N TYR A 331 -20.97 9.16 10.28
CA TYR A 331 -21.63 9.01 11.56
C TYR A 331 -21.76 10.37 12.22
N THR A 332 -22.96 10.70 12.69
CA THR A 332 -23.26 12.00 13.27
C THR A 332 -23.64 11.84 14.73
N HIS A 333 -23.11 12.72 15.58
CA HIS A 333 -23.40 12.69 17.00
C HIS A 333 -23.33 14.10 17.55
N PHE A 334 -24.31 14.46 18.38
CA PHE A 334 -24.37 15.75 19.03
C PHE A 334 -23.60 15.65 20.35
N THR A 335 -22.48 16.36 20.45
CA THR A 335 -21.63 16.26 21.63
C THR A 335 -22.36 16.71 22.87
N CYS A 336 -22.20 15.95 23.95
CA CYS A 336 -22.87 16.20 25.22
C CYS A 336 -21.86 16.62 26.28
N SER A 337 -22.38 17.20 27.36
CA SER A 337 -21.52 17.71 28.42
C SER A 337 -20.78 16.58 29.13
N THR A 338 -21.46 15.47 29.40
CA THR A 338 -20.83 14.36 30.10
C THR A 338 -19.80 13.68 29.21
N ASP A 339 -18.67 13.30 29.80
CA ASP A 339 -17.59 12.63 29.08
C ASP A 339 -17.69 11.12 29.22
N THR A 340 -18.86 10.59 28.83
CA THR A 340 -19.10 9.15 28.84
C THR A 340 -19.73 8.64 27.56
N LYS A 341 -20.15 9.52 26.64
CA LYS A 341 -20.78 9.12 25.40
C LYS A 341 -19.96 9.44 24.16
N ASN A 342 -19.14 10.50 24.20
CA ASN A 342 -18.34 10.85 23.04
C ASN A 342 -17.32 9.74 22.73
N VAL A 343 -16.57 9.33 23.74
CA VAL A 343 -15.61 8.25 23.54
C VAL A 343 -16.32 6.94 23.23
N GLN A 344 -17.49 6.72 23.84
CA GLN A 344 -18.28 5.53 23.53
C GLN A 344 -18.76 5.54 22.08
N PHE A 345 -19.21 6.70 21.61
CA PHE A 345 -19.64 6.81 20.21
C PHE A 345 -18.47 6.57 19.26
N VAL A 346 -17.30 7.13 19.57
CA VAL A 346 -16.13 6.90 18.73
C VAL A 346 -15.76 5.43 18.74
N PHE A 347 -15.85 4.77 19.90
CA PHE A 347 -15.55 3.34 20.00
C PHE A 347 -16.51 2.53 19.14
N ASP A 348 -17.79 2.85 19.18
CA ASP A 348 -18.77 2.11 18.38
C ASP A 348 -18.53 2.33 16.89
N ALA A 349 -18.25 3.57 16.48
CA ALA A 349 -17.98 3.85 15.08
C ALA A 349 -16.73 3.12 14.58
N VAL A 350 -15.68 3.10 15.40
CA VAL A 350 -14.45 2.41 15.02
C VAL A 350 -14.69 0.91 14.95
N THR A 351 -15.50 0.37 15.86
CA THR A 351 -15.81 -1.06 15.81
C THR A 351 -16.57 -1.41 14.54
N ASP A 352 -17.54 -0.58 14.16
CA ASP A 352 -18.28 -0.82 12.91
C ASP A 352 -17.37 -0.74 11.70
N VAL A 353 -16.46 0.24 11.68
CA VAL A 353 -15.52 0.37 10.58
C VAL A 353 -14.61 -0.86 10.50
N ILE A 354 -14.16 -1.35 11.66
CA ILE A 354 -13.29 -2.52 11.69
C ILE A 354 -14.04 -3.75 11.17
N ILE A 355 -15.31 -3.90 11.55
CA ILE A 355 -16.10 -5.02 11.04
C ILE A 355 -16.25 -4.92 9.53
N LYS A 356 -16.53 -3.72 9.02
CA LYS A 356 -16.69 -3.56 7.58
C LYS A 356 -15.38 -3.84 6.83
N ASN A 357 -14.24 -3.48 7.44
CA ASN A 357 -12.95 -3.79 6.82
C ASN A 357 -12.65 -5.29 6.86
N ASN A 358 -13.01 -5.96 7.96
CA ASN A 358 -12.77 -7.40 8.03
C ASN A 358 -13.66 -8.16 7.06
N LEU A 359 -14.85 -7.62 6.76
CA LEU A 359 -15.68 -8.22 5.71
C LEU A 359 -14.94 -8.24 4.38
N LYS A 360 -14.21 -7.18 4.06
CA LYS A 360 -13.45 -7.14 2.82
C LYS A 360 -12.20 -8.01 2.90
N ASP A 361 -11.50 -7.97 4.03
CA ASP A 361 -10.27 -8.75 4.18
C ASP A 361 -10.54 -10.24 4.09
N CYS A 362 -11.58 -10.70 4.77
CA CYS A 362 -11.92 -12.13 4.80
C CYS A 362 -12.38 -12.63 3.45
N GLY A 363 -12.70 -11.71 2.54
CA GLY A 363 -13.17 -12.09 1.22
C GLY A 363 -14.65 -12.39 1.13
N LEU A 364 -15.43 -12.06 2.16
CA LEU A 364 -16.86 -12.30 2.12
C LEU A 364 -17.53 -11.50 1.01
N PHE A 365 -17.14 -10.24 0.86
CA PHE A 365 -17.68 -9.42 -0.23
C PHE A 365 -16.56 -8.79 -1.04
N GLN B 16 4.74 53.17 -8.49
CA GLN B 16 6.03 53.62 -9.05
C GLN B 16 7.02 52.46 -9.13
N LEU B 17 7.07 51.65 -8.06
CA LEU B 17 7.98 50.51 -8.05
C LEU B 17 7.56 49.45 -9.05
N ARG B 18 6.26 49.35 -9.35
CA ARG B 18 5.80 48.34 -10.31
C ARG B 18 6.37 48.60 -11.69
N GLN B 19 6.42 49.87 -12.12
CA GLN B 19 6.98 50.20 -13.42
C GLN B 19 8.47 49.82 -13.49
N GLU B 20 9.21 50.11 -12.43
CA GLU B 20 10.64 49.76 -12.41
C GLU B 20 10.83 48.25 -12.44
N ALA B 21 10.01 47.52 -11.69
CA ALA B 21 10.10 46.05 -11.71
C ALA B 21 9.78 45.49 -13.08
N GLU B 22 8.75 46.03 -13.74
CA GLU B 22 8.41 45.58 -15.08
C GLU B 22 9.52 45.89 -16.07
N GLN B 23 10.13 47.06 -15.96
CA GLN B 23 11.23 47.41 -16.84
C GLN B 23 12.43 46.48 -16.62
N LEU B 24 12.74 46.17 -15.36
CA LEU B 24 13.83 45.26 -15.07
C LEU B 24 13.56 43.87 -15.61
N LYS B 25 12.32 43.39 -15.46
CA LYS B 25 11.97 42.08 -15.99
C LYS B 25 12.05 42.05 -17.51
N ASN B 26 11.59 43.12 -18.17
CA ASN B 26 11.70 43.20 -19.62
C ASN B 26 13.14 43.21 -20.08
N GLN B 27 14.00 43.96 -19.37
CA GLN B 27 15.41 43.98 -19.71
C GLN B 27 16.05 42.60 -19.52
N ILE B 28 15.68 41.90 -18.45
CA ILE B 28 16.20 40.56 -18.22
C ILE B 28 15.77 39.62 -19.33
N ARG B 29 14.50 39.68 -19.73
CA ARG B 29 14.01 38.83 -20.81
C ARG B 29 14.71 39.14 -22.12
N ASP B 30 14.92 40.43 -22.42
CA ASP B 30 15.61 40.82 -23.64
C ASP B 30 17.05 40.32 -23.64
N ALA B 31 17.74 40.43 -22.50
CA ALA B 31 19.11 39.92 -22.41
C ALA B 31 19.15 38.41 -22.58
N ARG B 32 18.18 37.71 -21.98
CA ARG B 32 18.13 36.25 -22.14
C ARG B 32 17.88 35.86 -23.59
N LYS B 33 17.00 36.58 -24.28
CA LYS B 33 16.73 36.28 -25.68
C LYS B 33 17.90 36.63 -26.58
N ALA B 34 18.67 37.66 -26.22
CA ALA B 34 19.81 38.07 -27.05
C ALA B 34 20.87 36.97 -27.08
N CYS B 35 21.11 36.31 -25.96
CA CYS B 35 22.15 35.28 -25.90
C CYS B 35 21.71 33.95 -26.50
N ALA B 36 20.44 33.81 -26.88
CA ALA B 36 19.93 32.58 -27.46
C ALA B 36 20.39 32.49 -28.91
N ASP B 37 21.59 31.95 -29.12
CA ASP B 37 22.14 31.82 -30.47
C ASP B 37 21.49 30.66 -31.21
N ALA B 38 21.63 29.44 -30.68
CA ALA B 38 21.06 28.27 -31.30
C ALA B 38 20.64 27.29 -30.21
N THR B 39 19.61 26.50 -30.51
CA THR B 39 19.10 25.54 -29.54
C THR B 39 20.05 24.34 -29.41
N LEU B 40 19.89 23.62 -28.30
CA LEU B 40 20.71 22.44 -28.07
C LEU B 40 20.47 21.37 -29.14
N SER B 41 19.19 21.14 -29.48
CA SER B 41 18.86 20.11 -30.45
C SER B 41 19.38 20.43 -31.83
N GLN B 42 19.58 21.71 -32.14
CA GLN B 42 20.12 22.08 -33.44
C GLN B 42 21.55 21.59 -33.62
N ILE B 43 22.37 21.67 -32.57
CA ILE B 43 23.78 21.34 -32.67
C ILE B 43 24.13 19.99 -32.07
N THR B 44 23.18 19.28 -31.47
CA THR B 44 23.42 17.94 -30.96
C THR B 44 22.91 16.86 -31.91
N ASN B 45 22.56 17.23 -33.14
CA ASN B 45 21.96 16.31 -34.09
C ASN B 45 22.99 15.36 -34.71
N ASN B 46 24.28 15.65 -34.57
CA ASN B 46 25.31 14.86 -35.22
C ASN B 46 25.85 13.72 -34.36
N ILE B 47 25.58 13.73 -33.06
CA ILE B 47 26.08 12.66 -32.20
C ILE B 47 25.24 11.40 -32.40
N ASP B 48 25.86 10.25 -32.20
CA ASP B 48 25.17 8.98 -32.35
C ASP B 48 24.22 8.76 -31.18
N PRO B 49 22.94 8.50 -31.42
CA PRO B 49 22.03 8.23 -30.32
C PRO B 49 22.41 6.96 -29.57
N VAL B 50 22.18 6.98 -28.26
CA VAL B 50 22.48 5.81 -27.44
C VAL B 50 21.45 4.73 -27.70
N GLY B 51 21.87 3.47 -27.62
CA GLY B 51 20.98 2.36 -27.83
C GLY B 51 19.95 2.22 -26.72
N ARG B 52 18.95 1.38 -26.97
CA ARG B 52 17.91 1.13 -25.99
C ARG B 52 18.51 0.47 -24.76
N ILE B 53 18.30 1.09 -23.60
CA ILE B 53 18.88 0.62 -22.35
C ILE B 53 17.93 -0.38 -21.70
N GLN B 54 18.45 -1.54 -21.33
CA GLN B 54 17.67 -2.60 -20.71
C GLN B 54 18.33 -2.96 -19.38
N MET B 55 17.75 -2.48 -18.28
CA MET B 55 18.24 -2.77 -16.94
C MET B 55 17.35 -3.83 -16.29
N ARG B 56 17.98 -4.77 -15.59
CA ARG B 56 17.29 -5.83 -14.88
C ARG B 56 17.58 -5.72 -13.40
N THR B 57 16.55 -5.93 -12.58
CA THR B 57 16.70 -5.81 -11.14
C THR B 57 17.63 -6.90 -10.59
N ARG B 58 18.50 -6.50 -9.68
CA ARG B 58 19.47 -7.41 -9.06
C ARG B 58 19.05 -7.80 -7.65
N ARG B 59 18.76 -6.81 -6.80
CA ARG B 59 18.31 -7.04 -5.44
C ARG B 59 16.93 -6.43 -5.24
N THR B 60 16.21 -6.98 -4.26
CA THR B 60 14.88 -6.50 -3.89
C THR B 60 14.87 -6.39 -2.37
N LEU B 61 15.26 -5.23 -1.85
CA LEU B 61 15.31 -5.02 -0.41
C LEU B 61 13.90 -4.91 0.14
N ARG B 62 13.59 -5.74 1.14
CA ARG B 62 12.26 -5.76 1.75
C ARG B 62 12.40 -5.78 3.26
N GLY B 63 11.34 -5.32 3.92
CA GLY B 63 11.33 -5.19 5.37
C GLY B 63 10.55 -3.99 5.86
N HIS B 64 10.18 -3.10 4.94
CA HIS B 64 9.34 -1.95 5.28
C HIS B 64 7.87 -2.36 5.19
N LEU B 65 7.08 -1.87 6.15
CA LEU B 65 5.67 -2.22 6.23
C LEU B 65 4.75 -1.06 5.87
N ALA B 66 5.28 -0.02 5.24
CA ALA B 66 4.48 1.13 4.84
C ALA B 66 5.16 1.80 3.66
N LYS B 67 4.60 2.95 3.24
CA LYS B 67 5.17 3.68 2.12
C LYS B 67 6.57 4.17 2.44
N ILE B 68 7.42 4.19 1.42
CA ILE B 68 8.80 4.64 1.55
C ILE B 68 8.91 6.02 0.92
N TYR B 69 9.42 6.98 1.68
CA TYR B 69 9.36 8.37 1.25
C TYR B 69 10.71 8.99 0.91
N ALA B 70 11.82 8.33 1.22
CA ALA B 70 13.12 8.88 0.89
C ALA B 70 14.17 7.78 0.92
N MET B 71 15.30 8.07 0.29
CA MET B 71 16.46 7.18 0.33
C MET B 71 17.70 8.00 -0.01
N HIS B 72 18.85 7.47 0.36
CA HIS B 72 20.12 8.16 0.08
C HIS B 72 21.26 7.15 0.13
N TRP B 73 22.06 7.13 -0.92
CA TRP B 73 23.23 6.27 -0.97
C TRP B 73 24.34 6.82 -0.08
N GLY B 74 25.19 5.92 0.40
CA GLY B 74 26.41 6.34 1.06
C GLY B 74 27.51 6.65 0.07
N THR B 75 28.58 7.27 0.57
CA THR B 75 29.69 7.64 -0.29
C THR B 75 30.56 6.44 -0.67
N ASP B 76 30.39 5.30 -0.02
CA ASP B 76 31.11 4.08 -0.36
C ASP B 76 30.38 3.22 -1.39
N SER B 77 29.20 3.67 -1.84
CA SER B 77 28.42 3.00 -2.88
C SER B 77 27.98 1.59 -2.47
N ARG B 78 27.94 1.32 -1.18
CA ARG B 78 27.52 0.01 -0.68
C ARG B 78 26.38 0.09 0.32
N LEU B 79 26.39 1.09 1.20
CA LEU B 79 25.36 1.26 2.21
C LEU B 79 24.40 2.36 1.82
N LEU B 80 23.11 2.14 2.09
CA LEU B 80 22.09 3.15 1.83
C LEU B 80 21.12 3.17 3.00
N VAL B 81 20.34 4.25 3.08
CA VAL B 81 19.37 4.46 4.16
C VAL B 81 18.02 4.78 3.55
N SER B 82 16.97 4.18 4.11
CA SER B 82 15.61 4.37 3.62
C SER B 82 14.69 4.72 4.78
N ALA B 83 13.77 5.66 4.54
CA ALA B 83 12.84 6.14 5.55
C ALA B 83 11.42 5.79 5.15
N SER B 84 10.66 5.21 6.08
CA SER B 84 9.30 4.81 5.81
C SER B 84 8.35 5.45 6.81
N GLN B 85 7.05 5.36 6.51
CA GLN B 85 6.01 5.94 7.35
C GLN B 85 5.64 5.07 8.56
N ASP B 86 6.21 3.88 8.68
CA ASP B 86 6.02 3.07 9.87
C ASP B 86 6.95 3.48 11.01
N GLY B 87 7.51 4.68 10.94
CA GLY B 87 8.45 5.15 11.94
C GLY B 87 9.76 4.39 11.94
N LYS B 88 10.31 4.10 10.75
CA LYS B 88 11.54 3.33 10.63
C LYS B 88 12.50 4.01 9.67
N LEU B 89 13.77 4.03 10.07
CA LEU B 89 14.88 4.48 9.24
C LEU B 89 15.89 3.34 9.20
N ILE B 90 15.98 2.64 8.07
CA ILE B 90 16.75 1.41 7.97
C ILE B 90 17.98 1.67 7.12
N ILE B 91 19.15 1.29 7.64
CA ILE B 91 20.40 1.33 6.90
C ILE B 91 20.68 -0.10 6.44
N TRP B 92 20.67 -0.29 5.12
CA TRP B 92 20.81 -1.59 4.51
C TRP B 92 22.26 -1.85 4.11
N ASP B 93 22.48 -3.02 3.51
CA ASP B 93 23.75 -3.37 2.87
C ASP B 93 23.38 -3.90 1.48
N SER B 94 23.59 -3.07 0.45
CA SER B 94 23.08 -3.41 -0.88
C SER B 94 23.75 -4.66 -1.45
N TYR B 95 25.00 -4.92 -1.08
CA TYR B 95 25.71 -6.05 -1.65
C TYR B 95 25.10 -7.38 -1.22
N THR B 96 24.87 -7.54 0.09
CA THR B 96 24.43 -8.81 0.64
C THR B 96 23.00 -8.80 1.15
N THR B 97 22.28 -7.69 0.97
CA THR B 97 20.86 -7.50 1.32
C THR B 97 20.66 -7.47 2.84
N ASN B 98 21.69 -7.72 3.64
CA ASN B 98 21.55 -7.70 5.08
C ASN B 98 21.26 -6.28 5.58
N LYS B 99 20.41 -6.18 6.59
CA LYS B 99 20.12 -4.90 7.22
C LYS B 99 21.18 -4.61 8.27
N VAL B 100 21.85 -3.46 8.15
CA VAL B 100 22.89 -3.10 9.10
C VAL B 100 22.29 -2.44 10.33
N HIS B 101 21.36 -1.51 10.14
CA HIS B 101 20.74 -0.80 11.24
C HIS B 101 19.26 -0.60 10.97
N ALA B 102 18.49 -0.46 12.06
CA ALA B 102 17.06 -0.17 11.97
C ALA B 102 16.70 0.75 13.13
N ILE B 103 16.71 2.06 12.87
CA ILE B 103 16.44 3.07 13.90
C ILE B 103 14.95 3.37 13.97
N PRO B 104 14.34 3.27 15.16
CA PRO B 104 12.93 3.66 15.31
C PRO B 104 12.81 5.16 15.54
N LEU B 105 11.98 5.80 14.72
CA LEU B 105 11.82 7.25 14.79
C LEU B 105 10.84 7.64 15.88
N ARG B 106 10.99 8.88 16.37
CA ARG B 106 10.07 9.39 17.37
C ARG B 106 8.74 9.80 16.75
N SER B 107 8.77 10.31 15.51
CA SER B 107 7.58 10.67 14.76
C SER B 107 7.55 9.86 13.48
N SER B 108 6.39 9.27 13.18
CA SER B 108 6.26 8.38 12.03
C SER B 108 5.86 9.10 10.75
N TRP B 109 5.73 10.43 10.78
CA TRP B 109 5.39 11.21 9.59
C TRP B 109 6.67 11.87 9.10
N VAL B 110 7.42 11.15 8.28
CA VAL B 110 8.73 11.58 7.80
C VAL B 110 8.71 11.66 6.28
N MET B 111 9.38 12.69 5.75
CA MET B 111 9.36 12.96 4.31
C MET B 111 10.74 13.01 3.69
N THR B 112 11.81 12.88 4.48
CA THR B 112 13.16 13.01 3.92
C THR B 112 14.14 12.24 4.80
N CYS B 113 15.31 11.98 4.23
CA CYS B 113 16.40 11.35 4.95
C CYS B 113 17.71 11.72 4.25
N ALA B 114 18.82 11.54 4.97
CA ALA B 114 20.12 11.89 4.43
C ALA B 114 21.17 10.98 5.05
N TYR B 115 22.31 10.87 4.38
CA TYR B 115 23.43 10.06 4.84
C TYR B 115 24.69 10.92 4.78
N ALA B 116 25.39 11.01 5.91
CA ALA B 116 26.55 11.88 5.99
C ALA B 116 27.66 11.40 5.06
N PRO B 117 28.42 12.31 4.46
CA PRO B 117 29.54 11.89 3.61
C PRO B 117 30.58 11.07 4.34
N SER B 118 30.79 11.33 5.63
CA SER B 118 31.75 10.56 6.41
C SER B 118 31.18 9.23 6.89
N GLY B 119 29.87 9.02 6.79
CA GLY B 119 29.27 7.77 7.22
C GLY B 119 29.03 7.65 8.71
N ASN B 120 29.26 8.72 9.47
CA ASN B 120 29.09 8.67 10.93
C ASN B 120 27.68 9.00 11.37
N TYR B 121 26.98 9.89 10.66
CA TYR B 121 25.68 10.38 11.08
C TYR B 121 24.64 10.14 10.00
N VAL B 122 23.37 10.18 10.42
CA VAL B 122 22.24 10.19 9.51
C VAL B 122 21.29 11.29 9.96
N ALA B 123 20.42 11.72 9.04
CA ALA B 123 19.47 12.78 9.32
C ALA B 123 18.08 12.36 8.85
N CYS B 124 17.07 12.90 9.52
CA CYS B 124 15.69 12.60 9.17
C CYS B 124 14.80 13.78 9.55
N GLY B 125 13.62 13.83 8.94
CA GLY B 125 12.69 14.92 9.23
C GLY B 125 11.38 14.72 8.50
N GLY B 126 10.42 15.56 8.85
CA GLY B 126 9.11 15.48 8.25
C GLY B 126 8.10 16.46 8.78
N LEU B 127 6.89 15.98 9.08
CA LEU B 127 5.80 16.83 9.53
C LEU B 127 5.98 17.36 10.95
N ASP B 128 6.98 16.88 11.69
CA ASP B 128 7.20 17.32 13.06
C ASP B 128 7.99 18.63 13.12
N ASN B 129 8.41 19.16 11.98
CA ASN B 129 9.12 20.44 11.86
C ASN B 129 10.50 20.40 12.53
N ILE B 130 11.04 19.21 12.77
CA ILE B 130 12.30 19.06 13.48
C ILE B 130 13.20 18.12 12.69
N CYS B 131 14.46 18.50 12.52
CA CYS B 131 15.45 17.66 11.84
C CYS B 131 16.28 16.93 12.90
N SER B 132 16.22 15.59 12.87
CA SER B 132 16.90 14.77 13.86
C SER B 132 18.17 14.19 13.24
N ILE B 133 19.31 14.40 13.91
CA ILE B 133 20.59 13.85 13.51
C ILE B 133 20.95 12.74 14.49
N TYR B 134 21.05 11.52 13.95
CA TYR B 134 21.40 10.34 14.72
C TYR B 134 22.86 9.97 14.47
N ASN B 135 23.52 9.48 15.53
CA ASN B 135 24.92 9.10 15.48
C ASN B 135 25.02 7.58 15.32
N LEU B 136 25.75 7.14 14.30
CA LEU B 136 25.89 5.71 14.02
C LEU B 136 27.14 5.12 14.66
N LYS B 137 28.31 5.69 14.37
CA LYS B 137 29.58 5.16 14.87
C LYS B 137 29.75 5.55 16.34
N THR B 138 29.08 4.77 17.19
CA THR B 138 29.14 4.97 18.63
C THR B 138 30.01 3.90 19.27
N ARG B 139 30.63 4.27 20.40
CA ARG B 139 31.52 3.34 21.10
C ARG B 139 30.74 2.15 21.64
N GLU B 140 29.55 2.38 22.19
CA GLU B 140 28.75 1.32 22.78
C GLU B 140 28.03 0.47 21.73
N GLY B 141 28.03 0.89 20.46
CA GLY B 141 27.37 0.14 19.42
C GLY B 141 25.88 0.37 19.29
N ASN B 142 25.32 1.28 20.07
CA ASN B 142 23.89 1.60 20.02
C ASN B 142 23.71 2.99 19.44
N VAL B 143 22.81 3.11 18.46
CA VAL B 143 22.55 4.39 17.83
C VAL B 143 21.72 5.26 18.77
N ARG B 144 22.15 6.51 18.93
CA ARG B 144 21.47 7.46 19.81
C ARG B 144 21.27 8.78 19.08
N VAL B 145 20.23 9.50 19.46
CA VAL B 145 19.92 10.79 18.84
C VAL B 145 21.04 11.76 19.19
N SER B 146 21.82 12.16 18.19
CA SER B 146 22.93 13.07 18.44
C SER B 146 22.42 14.50 18.67
N ARG B 147 21.46 14.94 17.87
CA ARG B 147 20.99 16.32 17.97
C ARG B 147 19.59 16.44 17.37
N GLU B 148 18.86 17.45 17.83
CA GLU B 148 17.56 17.80 17.29
C GLU B 148 17.56 19.28 16.94
N LEU B 149 17.13 19.60 15.71
CA LEU B 149 17.16 20.96 15.20
C LEU B 149 15.74 21.45 14.97
N ALA B 150 15.40 22.58 15.56
CA ALA B 150 14.07 23.16 15.48
C ALA B 150 14.17 24.65 15.17
N GLY B 151 13.10 25.19 14.61
CA GLY B 151 13.07 26.59 14.24
C GLY B 151 12.29 26.85 12.95
N HIS B 152 12.12 25.83 12.14
CA HIS B 152 11.33 25.95 10.93
C HIS B 152 9.84 25.96 11.28
N THR B 153 9.08 26.80 10.58
CA THR B 153 7.65 26.91 10.79
C THR B 153 6.84 26.12 9.76
N GLY B 154 7.50 25.41 8.86
CA GLY B 154 6.80 24.53 7.92
C GLY B 154 7.50 23.18 7.86
N TYR B 155 6.79 22.22 7.26
CA TYR B 155 7.28 20.85 7.23
C TYR B 155 8.56 20.75 6.41
N LEU B 156 9.47 19.88 6.87
CA LEU B 156 10.73 19.68 6.18
C LEU B 156 10.54 18.79 4.96
N SER B 157 11.11 19.20 3.82
CA SER B 157 11.00 18.45 2.58
C SER B 157 12.32 17.89 2.09
N CYS B 158 13.46 18.49 2.46
CA CYS B 158 14.76 17.99 2.03
C CYS B 158 15.81 18.51 3.00
N CYS B 159 16.85 17.71 3.20
CA CYS B 159 17.96 18.06 4.07
C CYS B 159 19.21 17.33 3.59
N ARG B 160 20.32 18.04 3.50
CA ARG B 160 21.56 17.51 2.98
C ARG B 160 22.73 17.91 3.88
N PHE B 161 23.79 17.11 3.85
CA PHE B 161 24.96 17.29 4.69
C PHE B 161 26.08 17.96 3.88
N LEU B 162 26.50 19.15 4.31
CA LEU B 162 27.73 19.73 3.76
C LEU B 162 28.95 19.00 4.31
N ASP B 163 28.98 18.77 5.62
CA ASP B 163 30.04 18.01 6.27
C ASP B 163 29.48 17.51 7.61
N ASP B 164 30.37 17.05 8.49
CA ASP B 164 29.93 16.50 9.77
C ASP B 164 29.38 17.56 10.71
N ASN B 165 29.54 18.85 10.41
CA ASN B 165 29.11 19.90 11.30
C ASN B 165 28.17 20.91 10.67
N GLN B 166 27.78 20.72 9.41
CA GLN B 166 26.87 21.65 8.73
C GLN B 166 25.84 20.86 7.96
N ILE B 167 24.59 21.29 8.06
CA ILE B 167 23.47 20.67 7.36
C ILE B 167 22.56 21.77 6.81
N VAL B 168 22.10 21.61 5.58
CA VAL B 168 21.23 22.57 4.92
C VAL B 168 19.86 21.93 4.70
N THR B 169 18.81 22.63 5.10
CA THR B 169 17.44 22.11 5.02
C THR B 169 16.58 23.07 4.23
N SER B 170 15.51 22.53 3.65
CA SER B 170 14.50 23.33 2.96
C SER B 170 13.15 22.99 3.55
N SER B 171 12.38 24.01 3.92
CA SER B 171 11.15 23.79 4.67
C SER B 171 9.93 24.21 3.84
N GLY B 172 8.76 23.82 4.33
CA GLY B 172 7.51 24.16 3.69
C GLY B 172 7.00 25.55 3.96
N ASP B 173 7.72 26.34 4.74
CA ASP B 173 7.39 27.74 4.98
C ASP B 173 8.11 28.68 4.03
N THR B 174 8.42 28.21 2.82
CA THR B 174 9.05 29.00 1.76
C THR B 174 10.42 29.54 2.19
N THR B 175 11.18 28.74 2.93
CA THR B 175 12.50 29.14 3.38
C THR B 175 13.47 27.97 3.30
N CYS B 176 14.76 28.31 3.30
CA CYS B 176 15.84 27.35 3.44
C CYS B 176 16.74 27.83 4.58
N ALA B 177 17.49 26.90 5.16
CA ALA B 177 18.30 27.22 6.33
C ALA B 177 19.61 26.46 6.31
N LEU B 178 20.68 27.14 6.71
CA LEU B 178 21.99 26.53 6.94
C LEU B 178 22.25 26.56 8.44
N TRP B 179 22.48 25.38 9.02
CA TRP B 179 22.52 25.18 10.47
C TRP B 179 23.95 24.96 10.95
N ASP B 180 24.07 24.68 12.24
CA ASP B 180 25.32 24.31 12.87
C ASP B 180 25.00 23.24 13.91
N ILE B 181 25.42 22.00 13.63
CA ILE B 181 24.99 20.86 14.44
C ILE B 181 25.54 20.96 15.86
N GLU B 182 26.76 21.46 16.01
CA GLU B 182 27.38 21.52 17.34
C GLU B 182 26.60 22.42 18.29
N THR B 183 26.18 23.60 17.81
CA THR B 183 25.42 24.52 18.65
C THR B 183 23.92 24.40 18.49
N GLY B 184 23.45 23.74 17.43
CA GLY B 184 22.03 23.58 17.23
C GLY B 184 21.28 24.85 16.90
N GLN B 185 21.97 25.85 16.37
CA GLN B 185 21.37 27.14 16.06
C GLN B 185 21.46 27.43 14.57
N GLN B 186 20.46 28.13 14.05
CA GLN B 186 20.47 28.54 12.65
C GLN B 186 21.61 29.49 12.39
N THR B 187 22.37 29.23 11.33
CA THR B 187 23.46 30.10 10.92
C THR B 187 23.07 31.05 9.81
N THR B 188 22.39 30.57 8.76
CA THR B 188 21.96 31.43 7.67
C THR B 188 20.55 31.05 7.27
N THR B 189 19.79 32.04 6.81
CA THR B 189 18.42 31.82 6.35
C THR B 189 18.28 32.38 4.94
N PHE B 190 17.73 31.56 4.04
CA PHE B 190 17.50 31.94 2.65
C PHE B 190 16.00 32.10 2.43
N THR B 191 15.58 33.30 2.06
CA THR B 191 14.18 33.63 1.82
C THR B 191 14.03 34.26 0.44
N GLY B 192 12.82 34.22 -0.07
CA GLY B 192 12.53 34.78 -1.38
C GLY B 192 11.53 33.98 -2.18
N HIS B 193 11.40 32.69 -1.86
CA HIS B 193 10.42 31.85 -2.54
C HIS B 193 9.01 32.24 -2.11
N THR B 194 8.06 32.03 -3.03
CA THR B 194 6.66 32.30 -2.77
C THR B 194 5.90 31.06 -2.30
N GLY B 195 6.04 29.95 -3.02
CA GLY B 195 5.39 28.72 -2.64
C GLY B 195 6.29 27.83 -1.80
N ASP B 196 5.75 26.68 -1.42
CA ASP B 196 6.48 25.74 -0.58
C ASP B 196 7.67 25.17 -1.34
N VAL B 197 8.82 25.10 -0.67
CA VAL B 197 10.02 24.53 -1.26
C VAL B 197 9.95 23.01 -1.12
N MET B 198 10.07 22.31 -2.25
CA MET B 198 9.86 20.87 -2.28
C MET B 198 11.13 20.06 -2.54
N SER B 199 12.24 20.69 -2.91
CA SER B 199 13.45 19.96 -3.23
C SER B 199 14.67 20.82 -2.95
N LEU B 200 15.85 20.21 -3.06
CA LEU B 200 17.11 20.85 -2.75
C LEU B 200 18.23 19.97 -3.28
N SER B 201 19.24 20.59 -3.89
CA SER B 201 20.39 19.87 -4.40
C SER B 201 21.64 20.69 -4.20
N LEU B 202 22.70 20.04 -3.70
CA LEU B 202 23.96 20.72 -3.43
C LEU B 202 24.92 20.59 -4.59
N ALA B 203 25.71 21.64 -4.82
CA ALA B 203 26.72 21.60 -5.85
C ALA B 203 27.84 20.64 -5.45
N PRO B 204 28.56 20.07 -6.42
CA PRO B 204 29.65 19.14 -6.09
C PRO B 204 30.72 19.75 -5.20
N ASP B 205 31.00 21.04 -5.35
CA ASP B 205 32.02 21.72 -4.54
C ASP B 205 31.46 22.28 -3.24
N THR B 206 30.17 22.11 -2.96
CA THR B 206 29.53 22.57 -1.74
C THR B 206 29.74 24.08 -1.53
N ARG B 207 29.66 24.83 -2.63
CA ARG B 207 29.74 26.29 -2.56
C ARG B 207 28.44 26.98 -2.95
N LEU B 208 27.57 26.31 -3.69
CA LEU B 208 26.27 26.83 -4.08
C LEU B 208 25.25 25.69 -3.98
N PHE B 209 23.97 26.05 -4.05
CA PHE B 209 22.94 25.03 -4.18
C PHE B 209 21.73 25.64 -4.87
N VAL B 210 20.75 24.79 -5.18
CA VAL B 210 19.55 25.21 -5.88
C VAL B 210 18.33 24.76 -5.08
N SER B 211 17.24 25.49 -5.24
CA SER B 211 15.99 25.18 -4.57
C SER B 211 14.84 25.34 -5.55
N GLY B 212 14.00 24.32 -5.66
CA GLY B 212 12.82 24.38 -6.49
C GLY B 212 11.55 24.34 -5.66
N ALA B 213 10.72 25.37 -5.76
CA ALA B 213 9.56 25.53 -4.91
C ALA B 213 8.28 25.33 -5.69
N CYS B 214 7.15 25.55 -5.01
CA CYS B 214 5.84 25.38 -5.61
C CYS B 214 5.39 26.56 -6.45
N ASP B 215 6.19 27.64 -6.47
CA ASP B 215 5.89 28.79 -7.32
C ASP B 215 6.34 28.61 -8.76
N ALA B 216 6.61 27.36 -9.16
CA ALA B 216 7.03 27.03 -10.53
C ALA B 216 8.29 27.80 -10.92
N SER B 217 9.22 27.93 -9.99
CA SER B 217 10.49 28.59 -10.25
C SER B 217 11.57 27.98 -9.39
N ALA B 218 12.81 28.05 -9.88
CA ALA B 218 13.97 27.57 -9.17
C ALA B 218 14.92 28.73 -8.89
N LYS B 219 15.64 28.64 -7.79
CA LYS B 219 16.55 29.71 -7.39
C LYS B 219 17.91 29.13 -7.03
N LEU B 220 18.96 29.90 -7.31
CA LEU B 220 20.33 29.52 -7.02
C LEU B 220 20.83 30.32 -5.83
N TRP B 221 21.20 29.64 -4.75
CA TRP B 221 21.64 30.26 -3.51
C TRP B 221 23.12 30.00 -3.28
N ASP B 222 23.77 31.01 -2.68
CA ASP B 222 25.16 30.92 -2.27
C ASP B 222 25.21 30.67 -0.76
N VAL B 223 25.92 29.62 -0.36
CA VAL B 223 25.95 29.22 1.04
C VAL B 223 26.63 30.28 1.89
N ARG B 224 27.81 30.73 1.47
CA ARG B 224 28.57 31.68 2.27
C ARG B 224 27.94 33.07 2.25
N GLU B 225 27.55 33.53 1.06
CA GLU B 225 26.97 34.87 0.95
C GLU B 225 25.59 34.95 1.57
N GLY B 226 24.77 33.92 1.37
CA GLY B 226 23.42 33.90 1.89
C GLY B 226 22.40 34.65 1.06
N MET B 227 22.72 34.98 -0.19
CA MET B 227 21.82 35.74 -1.05
C MET B 227 21.62 34.98 -2.36
N CYS B 228 20.42 35.13 -2.92
CA CYS B 228 20.10 34.49 -4.19
C CYS B 228 20.86 35.16 -5.33
N ARG B 229 21.32 34.36 -6.28
CA ARG B 229 22.09 34.84 -7.42
C ARG B 229 21.29 34.82 -8.72
N GLN B 230 20.63 33.72 -9.04
CA GLN B 230 19.87 33.60 -10.28
C GLN B 230 18.53 32.94 -10.01
N THR B 231 17.56 33.26 -10.86
CA THR B 231 16.22 32.71 -10.81
C THR B 231 15.83 32.19 -12.18
N PHE B 232 15.32 30.96 -12.24
CA PHE B 232 14.93 30.33 -13.48
C PHE B 232 13.45 29.97 -13.42
N THR B 233 12.75 30.20 -14.53
CA THR B 233 11.32 29.92 -14.62
C THR B 233 11.02 29.26 -15.95
N GLY B 234 9.79 28.77 -16.10
CA GLY B 234 9.38 28.12 -17.32
C GLY B 234 8.47 26.93 -17.09
N HIS B 235 8.20 26.61 -15.83
CA HIS B 235 7.30 25.52 -15.49
C HIS B 235 5.89 26.05 -15.26
N GLU B 236 4.92 25.14 -15.33
CA GLU B 236 3.51 25.49 -15.15
C GLU B 236 2.92 25.07 -13.82
N SER B 237 3.57 24.18 -13.08
CA SER B 237 3.04 23.68 -11.82
C SER B 237 4.18 23.57 -10.82
N ASP B 238 3.89 22.91 -9.70
CA ASP B 238 4.87 22.79 -8.62
C ASP B 238 6.05 21.92 -9.05
N ILE B 239 7.24 22.33 -8.66
CA ILE B 239 8.46 21.57 -8.92
C ILE B 239 8.67 20.60 -7.77
N ASN B 240 8.84 19.32 -8.10
CA ASN B 240 8.95 18.28 -7.07
C ASN B 240 10.36 17.75 -6.88
N ALA B 241 11.27 17.98 -7.82
CA ALA B 241 12.62 17.44 -7.71
C ALA B 241 13.59 18.35 -8.45
N ILE B 242 14.87 18.21 -8.11
CA ILE B 242 15.93 18.98 -8.72
C ILE B 242 17.24 18.22 -8.52
N CYS B 243 18.18 18.41 -9.43
CA CYS B 243 19.45 17.71 -9.37
C CYS B 243 20.46 18.43 -10.25
N PHE B 244 21.68 18.59 -9.74
CA PHE B 244 22.76 19.22 -10.49
C PHE B 244 23.35 18.29 -11.53
N PHE B 245 23.87 18.88 -12.60
CA PHE B 245 24.69 18.15 -13.54
C PHE B 245 26.00 17.75 -12.86
N PRO B 246 26.61 16.64 -13.28
CA PRO B 246 27.85 16.19 -12.62
C PRO B 246 28.96 17.23 -12.63
N ASN B 247 29.05 18.06 -13.67
CA ASN B 247 30.09 19.08 -13.72
C ASN B 247 29.73 20.34 -12.94
N GLY B 248 28.49 20.45 -12.46
CA GLY B 248 28.10 21.57 -11.64
C GLY B 248 27.79 22.85 -12.38
N ASN B 249 27.58 22.79 -13.70
CA ASN B 249 27.28 23.96 -14.50
C ASN B 249 25.87 23.95 -15.07
N ALA B 250 25.04 22.98 -14.67
CA ALA B 250 23.67 22.88 -15.14
C ALA B 250 22.88 22.05 -14.15
N PHE B 251 21.55 22.10 -14.27
CA PHE B 251 20.70 21.28 -13.43
C PHE B 251 19.42 20.94 -14.17
N ALA B 252 18.69 19.96 -13.64
CA ALA B 252 17.46 19.48 -14.25
C ALA B 252 16.35 19.45 -13.20
N THR B 253 15.16 19.88 -13.62
CA THR B 253 14.01 19.98 -12.73
C THR B 253 12.85 19.19 -13.30
N GLY B 254 12.05 18.63 -12.40
CA GLY B 254 10.81 17.97 -12.78
C GLY B 254 9.65 18.53 -11.99
N SER B 255 8.51 18.65 -12.65
CA SER B 255 7.34 19.28 -12.07
C SER B 255 6.14 18.32 -12.13
N ASP B 256 4.99 18.83 -11.68
CA ASP B 256 3.77 18.03 -11.64
C ASP B 256 3.00 18.03 -12.95
N ASP B 257 3.40 18.83 -13.93
CA ASP B 257 2.73 18.87 -15.22
C ASP B 257 3.35 17.92 -16.23
N ALA B 258 4.03 16.87 -15.77
CA ALA B 258 4.56 15.81 -16.62
C ALA B 258 5.56 16.35 -17.64
N THR B 259 6.63 16.95 -17.13
CA THR B 259 7.70 17.43 -17.98
C THR B 259 8.96 17.58 -17.15
N CYS B 260 10.10 17.54 -17.84
CA CYS B 260 11.40 17.81 -17.24
C CYS B 260 12.08 18.90 -18.04
N ARG B 261 12.92 19.69 -17.37
CA ARG B 261 13.60 20.80 -18.03
C ARG B 261 15.04 20.88 -17.57
N LEU B 262 15.91 21.30 -18.48
CA LEU B 262 17.33 21.46 -18.20
C LEU B 262 17.67 22.95 -18.25
N PHE B 263 18.24 23.46 -17.17
CA PHE B 263 18.66 24.85 -17.08
C PHE B 263 20.16 24.93 -16.92
N ASP B 264 20.74 25.99 -17.49
CA ASP B 264 22.18 26.23 -17.44
C ASP B 264 22.45 27.52 -16.67
N LEU B 265 23.41 27.46 -15.74
CA LEU B 265 23.71 28.64 -14.93
C LEU B 265 24.35 29.75 -15.76
N ARG B 266 25.30 29.40 -16.62
CA ARG B 266 26.03 30.41 -17.37
C ARG B 266 25.13 31.08 -18.42
N ALA B 267 24.38 30.28 -19.18
CA ALA B 267 23.47 30.85 -20.17
C ALA B 267 22.26 31.50 -19.52
N ASP B 268 21.91 31.09 -18.30
CA ASP B 268 20.80 31.67 -17.54
C ASP B 268 19.49 31.59 -18.34
N GLN B 269 19.26 30.43 -18.95
CA GLN B 269 18.01 30.18 -19.66
C GLN B 269 17.85 28.68 -19.86
N GLU B 270 16.63 28.28 -20.21
CA GLU B 270 16.34 26.88 -20.44
C GLU B 270 17.05 26.38 -21.69
N LEU B 271 17.49 25.13 -21.66
CA LEU B 271 18.19 24.51 -22.78
C LEU B 271 17.36 23.44 -23.48
N MET B 272 16.85 22.46 -22.72
CA MET B 272 16.13 21.34 -23.31
C MET B 272 14.93 20.99 -22.44
N THR B 273 13.88 20.47 -23.08
CA THR B 273 12.70 19.98 -22.40
C THR B 273 12.45 18.53 -22.76
N TYR B 274 11.96 17.76 -21.80
CA TYR B 274 11.68 16.33 -21.96
C TYR B 274 10.22 16.09 -21.62
N SER B 275 9.45 15.63 -22.61
CA SER B 275 8.03 15.39 -22.41
C SER B 275 7.55 14.40 -23.47
N HIS B 276 6.38 13.82 -23.19
CA HIS B 276 5.76 12.87 -24.12
C HIS B 276 4.25 12.99 -23.99
N ASP B 277 3.56 12.66 -25.08
CA ASP B 277 2.10 12.77 -25.10
C ASP B 277 1.42 11.65 -24.33
N ASN B 278 2.10 10.54 -24.08
CA ASN B 278 1.52 9.43 -23.34
C ASN B 278 1.70 9.57 -21.83
N ILE B 279 2.35 10.64 -21.37
CA ILE B 279 2.61 10.86 -19.96
C ILE B 279 1.83 12.09 -19.52
N ILE B 280 1.01 11.93 -18.48
CA ILE B 280 0.17 13.00 -17.97
C ILE B 280 0.32 13.23 -16.48
N CYS B 281 1.12 12.42 -15.79
CA CYS B 281 1.33 12.56 -14.35
C CYS B 281 2.72 13.12 -14.08
N GLY B 282 2.86 13.78 -12.94
CA GLY B 282 4.07 14.50 -12.62
C GLY B 282 5.22 13.61 -12.23
N ILE B 283 6.37 14.24 -12.00
CA ILE B 283 7.61 13.56 -11.66
C ILE B 283 7.85 13.72 -10.16
N THR B 284 8.17 12.61 -9.49
CA THR B 284 8.45 12.64 -8.06
C THR B 284 9.93 12.78 -7.74
N SER B 285 10.82 12.37 -8.64
CA SER B 285 12.25 12.46 -8.39
C SER B 285 13.00 12.40 -9.71
N VAL B 286 14.16 13.07 -9.75
CA VAL B 286 15.04 13.03 -10.90
C VAL B 286 16.47 12.77 -10.43
N SER B 287 17.28 12.23 -11.33
CA SER B 287 18.68 11.98 -11.05
C SER B 287 19.42 11.86 -12.37
N PHE B 288 20.74 12.02 -12.31
CA PHE B 288 21.62 11.92 -13.46
C PHE B 288 22.46 10.65 -13.37
N SER B 289 23.35 10.48 -14.34
CA SER B 289 24.31 9.39 -14.37
C SER B 289 25.69 9.93 -14.00
N LYS B 290 26.67 9.02 -13.97
CA LYS B 290 28.03 9.42 -13.63
C LYS B 290 28.61 10.38 -14.66
N SER B 291 28.36 10.12 -15.93
CA SER B 291 28.84 10.98 -17.01
C SER B 291 27.83 12.04 -17.41
N GLY B 292 26.62 12.02 -16.85
CA GLY B 292 25.62 13.01 -17.19
C GLY B 292 24.96 12.82 -18.53
N ARG B 293 24.95 11.60 -19.07
CA ARG B 293 24.32 11.34 -20.35
C ARG B 293 22.88 10.88 -20.21
N LEU B 294 22.52 10.25 -19.09
CA LEU B 294 21.18 9.75 -18.86
C LEU B 294 20.51 10.57 -17.77
N LEU B 295 19.19 10.76 -17.92
CA LEU B 295 18.38 11.51 -16.97
C LEU B 295 17.29 10.59 -16.45
N LEU B 296 17.59 9.87 -15.37
CA LEU B 296 16.59 9.03 -14.73
C LEU B 296 15.51 9.88 -14.10
N ALA B 297 14.25 9.48 -14.28
CA ALA B 297 13.13 10.18 -13.68
C ALA B 297 12.10 9.19 -13.19
N GLY B 298 11.43 9.53 -12.10
CA GLY B 298 10.38 8.69 -11.52
C GLY B 298 9.02 9.35 -11.68
N TYR B 299 8.06 8.58 -12.16
CA TYR B 299 6.73 9.08 -12.47
C TYR B 299 5.69 8.47 -11.55
N ASP B 300 4.51 9.09 -11.54
CA ASP B 300 3.41 8.59 -10.74
C ASP B 300 2.75 7.34 -11.33
N ASP B 301 2.97 7.07 -12.62
CA ASP B 301 2.37 5.88 -13.24
C ASP B 301 3.22 4.64 -13.01
N PHE B 302 3.63 4.42 -11.76
CA PHE B 302 4.29 3.21 -11.30
C PHE B 302 5.59 2.91 -12.06
N ASN B 303 6.09 3.84 -12.87
CA ASN B 303 7.17 3.55 -13.80
C ASN B 303 8.28 4.59 -13.66
N CYS B 304 9.48 4.18 -14.04
CA CYS B 304 10.63 5.07 -14.13
C CYS B 304 11.09 5.13 -15.59
N ASN B 305 11.57 6.30 -16.01
CA ASN B 305 11.97 6.52 -17.39
C ASN B 305 13.41 6.98 -17.46
N VAL B 306 14.14 6.46 -18.45
CA VAL B 306 15.52 6.85 -18.71
C VAL B 306 15.50 7.72 -19.95
N TRP B 307 15.86 8.99 -19.80
CA TRP B 307 15.87 9.94 -20.90
C TRP B 307 17.29 10.04 -21.47
N ASP B 308 17.43 10.87 -22.50
CA ASP B 308 18.72 11.19 -23.09
C ASP B 308 18.97 12.67 -22.88
N ALA B 309 19.96 13.00 -22.04
CA ALA B 309 20.16 14.38 -21.63
C ALA B 309 20.55 15.28 -22.80
N LEU B 310 21.00 14.71 -23.92
CA LEU B 310 21.43 15.51 -25.06
C LEU B 310 20.44 15.50 -26.21
N LYS B 311 19.80 14.37 -26.48
CA LYS B 311 18.89 14.26 -27.61
C LYS B 311 17.42 14.30 -27.23
N ALA B 312 17.10 14.31 -25.93
CA ALA B 312 15.72 14.39 -25.45
C ALA B 312 14.85 13.28 -26.02
N ASP B 313 15.40 12.07 -26.07
CA ASP B 313 14.68 10.90 -26.55
C ASP B 313 14.68 9.83 -25.47
N ARG B 314 13.51 9.24 -25.22
CA ARG B 314 13.42 8.17 -24.24
C ARG B 314 14.24 6.97 -24.69
N ALA B 315 14.90 6.31 -23.74
CA ALA B 315 15.78 5.19 -24.07
C ALA B 315 15.64 4.02 -23.10
N GLY B 316 14.52 3.92 -22.39
CA GLY B 316 14.33 2.81 -21.48
C GLY B 316 13.27 3.06 -20.42
N VAL B 317 12.54 2.01 -20.06
CA VAL B 317 11.50 2.08 -19.06
C VAL B 317 11.77 1.03 -17.99
N LEU B 318 11.91 1.48 -16.75
CA LEU B 318 12.10 0.59 -15.60
C LEU B 318 10.74 0.45 -14.91
N ALA B 319 10.11 -0.72 -15.09
CA ALA B 319 8.78 -0.99 -14.54
C ALA B 319 8.88 -2.23 -13.65
N GLY B 320 8.95 -2.01 -12.34
CA GLY B 320 8.99 -3.11 -11.39
C GLY B 320 8.20 -2.85 -10.13
N HIS B 321 7.54 -1.70 -10.05
CA HIS B 321 6.83 -1.29 -8.85
C HIS B 321 5.33 -1.27 -9.11
N ASP B 322 4.56 -1.68 -8.10
CA ASP B 322 3.11 -1.69 -8.19
C ASP B 322 2.47 -0.40 -7.72
N ASN B 323 3.23 0.54 -7.17
CA ASN B 323 2.71 1.80 -6.67
C ASN B 323 3.62 2.93 -7.11
N ARG B 324 3.23 4.15 -6.78
CA ARG B 324 3.96 5.34 -7.23
C ARG B 324 5.39 5.33 -6.72
N VAL B 325 6.33 5.62 -7.60
CA VAL B 325 7.73 5.70 -7.23
C VAL B 325 7.97 7.03 -6.51
N SER B 326 8.55 6.98 -5.32
CA SER B 326 8.71 8.16 -4.49
C SER B 326 10.15 8.63 -4.34
N CYS B 327 11.14 7.75 -4.51
CA CYS B 327 12.53 8.16 -4.35
C CYS B 327 13.40 7.41 -5.34
N LEU B 328 14.49 8.05 -5.74
CA LEU B 328 15.39 7.50 -6.76
C LEU B 328 16.80 8.03 -6.49
N GLY B 329 17.79 7.17 -6.70
CA GLY B 329 19.16 7.56 -6.45
C GLY B 329 20.14 6.76 -7.28
N VAL B 330 21.31 7.34 -7.49
CA VAL B 330 22.39 6.72 -8.25
C VAL B 330 23.66 6.78 -7.43
N THR B 331 24.40 5.67 -7.40
CA THR B 331 25.64 5.60 -6.63
C THR B 331 26.67 6.59 -7.18
N ASP B 332 27.69 6.86 -6.37
CA ASP B 332 28.72 7.82 -6.76
C ASP B 332 29.50 7.32 -7.98
N ASP B 333 29.82 6.02 -8.01
CA ASP B 333 30.53 5.44 -9.14
C ASP B 333 29.59 5.01 -10.27
N GLY B 334 28.28 5.19 -10.11
CA GLY B 334 27.35 4.87 -11.17
C GLY B 334 27.18 3.41 -11.45
N MET B 335 27.48 2.54 -10.48
CA MET B 335 27.37 1.11 -10.72
C MET B 335 25.93 0.63 -10.75
N ALA B 336 25.05 1.26 -9.98
CA ALA B 336 23.66 0.81 -9.88
C ALA B 336 22.76 1.98 -9.56
N VAL B 337 21.47 1.79 -9.80
CA VAL B 337 20.45 2.80 -9.51
C VAL B 337 19.39 2.18 -8.61
N ALA B 338 19.05 2.88 -7.53
CA ALA B 338 18.08 2.38 -6.56
C ALA B 338 16.79 3.18 -6.66
N THR B 339 15.66 2.48 -6.66
CA THR B 339 14.35 3.11 -6.71
C THR B 339 13.50 2.59 -5.57
N GLY B 340 12.77 3.50 -4.92
CA GLY B 340 11.87 3.14 -3.85
C GLY B 340 10.49 3.74 -4.06
N SER B 341 9.46 2.91 -3.94
CA SER B 341 8.10 3.30 -4.24
C SER B 341 7.22 3.13 -2.99
N TRP B 342 5.95 3.51 -3.12
CA TRP B 342 4.98 3.33 -2.06
C TRP B 342 4.59 1.86 -1.88
N ASP B 343 5.21 0.95 -2.61
CA ASP B 343 4.97 -0.48 -2.49
C ASP B 343 5.74 -1.11 -1.34
N SER B 344 6.54 -0.32 -0.61
CA SER B 344 7.34 -0.79 0.53
C SER B 344 8.47 -1.71 0.11
N PHE B 345 8.96 -1.56 -1.13
CA PHE B 345 10.07 -2.36 -1.64
C PHE B 345 11.05 -1.45 -2.35
N LEU B 346 12.32 -1.53 -1.97
CA LEU B 346 13.39 -0.92 -2.75
C LEU B 346 13.87 -1.91 -3.80
N LYS B 347 14.32 -1.38 -4.93
CA LYS B 347 14.85 -2.22 -5.98
C LYS B 347 16.09 -1.59 -6.58
N ILE B 348 17.10 -2.43 -6.80
CA ILE B 348 18.38 -2.00 -7.36
C ILE B 348 18.50 -2.53 -8.78
N TRP B 349 18.86 -1.65 -9.70
CA TRP B 349 18.96 -1.98 -11.12
C TRP B 349 20.38 -1.74 -11.60
N ASN B 350 20.88 -2.65 -12.41
CA ASN B 350 22.25 -2.57 -12.92
C ASN B 350 22.30 -3.06 -14.37
N ALA C 12 7.90 47.38 -1.72
CA ALA C 12 8.40 46.52 -2.77
C ALA C 12 9.80 46.93 -3.21
N ARG C 13 10.50 47.65 -2.32
CA ARG C 13 11.86 48.07 -2.61
C ARG C 13 12.82 46.88 -2.63
N LYS C 14 12.58 45.87 -1.78
CA LYS C 14 13.45 44.70 -1.75
C LYS C 14 13.39 43.94 -3.08
N LEU C 15 12.20 43.82 -3.66
CA LEU C 15 12.08 43.13 -4.94
C LEU C 15 12.83 43.88 -6.03
N VAL C 16 12.73 45.20 -6.06
CA VAL C 16 13.44 46.00 -7.06
C VAL C 16 14.95 45.86 -6.86
N GLU C 17 15.42 45.90 -5.61
CA GLU C 17 16.85 45.75 -5.35
C GLU C 17 17.34 44.38 -5.79
N GLN C 18 16.57 43.32 -5.50
CA GLN C 18 16.96 41.98 -5.92
C GLN C 18 16.99 41.86 -7.44
N LEU C 19 16.00 42.44 -8.12
CA LEU C 19 16.00 42.39 -9.58
C LEU C 19 17.19 43.14 -10.16
N LYS C 20 17.54 44.29 -9.58
CA LYS C 20 18.70 45.03 -10.04
C LYS C 20 19.99 44.23 -9.80
N MET C 21 20.09 43.57 -8.66
CA MET C 21 21.28 42.78 -8.36
C MET C 21 21.41 41.60 -9.31
N GLU C 22 20.29 40.93 -9.62
CA GLU C 22 20.32 39.75 -10.48
C GLU C 22 20.29 40.07 -11.96
N ALA C 23 20.09 41.33 -12.33
CA ALA C 23 20.07 41.72 -13.74
C ALA C 23 21.41 42.21 -14.27
N ASN C 24 22.33 42.60 -13.38
CA ASN C 24 23.62 43.14 -13.80
C ASN C 24 24.70 42.04 -13.75
N ILE C 25 24.50 41.02 -14.59
CA ILE C 25 25.47 39.95 -14.74
C ILE C 25 25.70 39.70 -16.23
N ASP C 26 26.85 39.12 -16.53
CA ASP C 26 27.25 38.86 -17.92
C ASP C 26 26.98 37.39 -18.25
N ARG C 27 26.20 37.17 -19.29
CA ARG C 27 25.87 35.83 -19.76
C ARG C 27 26.70 35.47 -20.97
N ILE C 28 26.60 34.20 -21.38
CA ILE C 28 27.31 33.69 -22.54
C ILE C 28 26.28 33.17 -23.54
N LYS C 29 26.77 32.76 -24.71
CA LYS C 29 25.89 32.21 -25.73
C LYS C 29 25.43 30.82 -25.35
N VAL C 30 24.23 30.47 -25.81
CA VAL C 30 23.68 29.14 -25.55
C VAL C 30 24.52 28.06 -26.23
N SER C 31 25.04 28.37 -27.42
CA SER C 31 25.84 27.38 -28.15
C SER C 31 27.09 26.98 -27.38
N LYS C 32 27.73 27.94 -26.72
CA LYS C 32 28.93 27.62 -25.95
C LYS C 32 28.62 26.69 -24.79
N ALA C 33 27.53 26.96 -24.06
CA ALA C 33 27.16 26.09 -22.95
C ALA C 33 26.77 24.70 -23.44
N ALA C 34 26.04 24.62 -24.54
CA ALA C 34 25.66 23.33 -25.10
C ALA C 34 26.89 22.54 -25.54
N ALA C 35 27.85 23.22 -26.18
CA ALA C 35 29.08 22.55 -26.59
C ALA C 35 29.88 22.07 -25.40
N ASP C 36 29.93 22.87 -24.32
CA ASP C 36 30.64 22.44 -23.12
C ASP C 36 29.98 21.21 -22.50
N LEU C 37 28.65 21.20 -22.45
CA LEU C 37 27.95 20.03 -21.91
C LEU C 37 28.20 18.80 -22.76
N MET C 38 28.16 18.96 -24.10
CA MET C 38 28.41 17.83 -24.99
C MET C 38 29.84 17.31 -24.83
N ALA C 39 30.80 18.22 -24.69
CA ALA C 39 32.19 17.82 -24.52
C ALA C 39 32.39 17.07 -23.20
N TYR C 40 31.75 17.54 -22.13
CA TYR C 40 31.84 16.83 -20.85
C TYR C 40 31.21 15.45 -20.95
N CYS C 41 30.06 15.35 -21.63
CA CYS C 41 29.42 14.04 -21.79
C CYS C 41 30.30 13.09 -22.59
N GLU C 42 30.93 13.59 -23.65
CA GLU C 42 31.76 12.72 -24.49
C GLU C 42 33.05 12.30 -23.79
N ALA C 43 33.66 13.23 -23.03
CA ALA C 43 34.94 12.93 -22.41
C ALA C 43 34.84 11.83 -21.37
N HIS C 44 33.78 11.84 -20.57
CA HIS C 44 33.61 10.89 -19.48
C HIS C 44 32.70 9.73 -19.84
N ALA C 45 32.39 9.54 -21.12
CA ALA C 45 31.54 8.44 -21.53
C ALA C 45 32.18 7.08 -21.32
N LYS C 46 33.51 7.02 -21.25
CA LYS C 46 34.19 5.74 -21.02
C LYS C 46 33.89 5.20 -19.63
N GLU C 47 33.88 6.08 -18.62
CA GLU C 47 33.66 5.67 -17.24
C GLU C 47 32.19 5.90 -16.89
N ASP C 48 31.35 4.98 -17.35
CA ASP C 48 29.92 5.01 -17.05
C ASP C 48 29.39 3.59 -17.12
N PRO C 49 29.27 2.91 -15.97
CA PRO C 49 28.79 1.52 -15.98
C PRO C 49 27.36 1.38 -16.48
N LEU C 50 26.57 2.45 -16.47
CA LEU C 50 25.17 2.34 -16.91
C LEU C 50 25.05 2.46 -18.43
N LEU C 51 25.84 3.34 -19.04
CA LEU C 51 25.80 3.48 -20.50
C LEU C 51 26.32 2.22 -21.19
N THR C 52 27.49 1.75 -20.77
CA THR C 52 28.11 0.56 -21.36
C THR C 52 28.02 -0.58 -20.36
N PRO C 53 27.36 -1.69 -20.70
CA PRO C 53 27.24 -2.80 -19.74
C PRO C 53 28.60 -3.32 -19.31
N VAL C 54 28.71 -3.65 -18.03
CA VAL C 54 29.95 -4.15 -17.45
C VAL C 54 29.86 -5.67 -17.34
N PRO C 55 30.92 -6.40 -17.69
CA PRO C 55 30.87 -7.87 -17.58
C PRO C 55 30.64 -8.32 -16.15
N ALA C 56 30.04 -9.50 -16.00
CA ALA C 56 29.67 -10.01 -14.68
C ALA C 56 30.88 -10.26 -13.79
N SER C 57 32.08 -10.31 -14.36
CA SER C 57 33.28 -10.47 -13.54
C SER C 57 33.49 -9.27 -12.63
N GLU C 58 33.23 -8.06 -13.13
CA GLU C 58 33.40 -6.84 -12.35
C GLU C 58 32.08 -6.22 -11.92
N ASN C 59 31.02 -7.02 -11.83
CA ASN C 59 29.72 -6.52 -11.44
C ASN C 59 29.43 -6.94 -10.01
N PRO C 60 29.43 -6.02 -9.04
CA PRO C 60 29.15 -6.42 -7.64
C PRO C 60 27.77 -7.02 -7.44
N PHE C 61 26.78 -6.60 -8.22
CA PHE C 61 25.43 -7.13 -8.09
C PHE C 61 25.17 -8.21 -9.13
N ASN D 51 -27.61 -51.72 -17.33
CA ASN D 51 -27.01 -51.41 -18.62
C ASN D 51 -25.73 -50.61 -18.44
N ALA D 52 -24.60 -51.22 -18.84
CA ALA D 52 -23.30 -50.57 -18.71
C ALA D 52 -23.14 -49.40 -19.67
N ASN D 53 -24.03 -49.25 -20.65
CA ASN D 53 -23.95 -48.12 -21.57
C ASN D 53 -24.07 -46.80 -20.83
N PHE D 54 -25.02 -46.71 -19.89
CA PHE D 54 -25.19 -45.50 -19.10
C PHE D 54 -23.91 -45.13 -18.38
N ASN D 55 -23.33 -46.08 -17.64
CA ASN D 55 -22.09 -45.82 -16.92
C ASN D 55 -20.98 -45.38 -17.86
N LYS D 56 -20.75 -46.17 -18.91
CA LYS D 56 -19.59 -45.93 -19.78
C LYS D 56 -19.71 -44.60 -20.51
N ILE D 57 -20.91 -44.19 -20.89
CA ILE D 57 -21.07 -42.96 -21.65
C ILE D 57 -21.35 -41.75 -20.76
N PHE D 58 -21.64 -41.94 -19.47
CA PHE D 58 -22.04 -40.85 -18.61
C PHE D 58 -21.01 -40.47 -17.56
N LEU D 59 -20.35 -41.44 -16.93
CA LEU D 59 -19.45 -41.09 -15.84
C LEU D 59 -18.10 -40.54 -16.32
N PRO D 60 -17.42 -41.17 -17.30
CA PRO D 60 -16.13 -40.63 -17.74
C PRO D 60 -16.20 -39.20 -18.26
N THR D 61 -17.28 -38.83 -18.94
CA THR D 61 -17.39 -37.46 -19.45
C THR D 61 -17.45 -36.46 -18.30
N ILE D 62 -18.26 -36.74 -17.28
CA ILE D 62 -18.36 -35.86 -16.12
C ILE D 62 -17.03 -35.80 -15.40
N TYR D 63 -16.35 -36.94 -15.27
CA TYR D 63 -15.05 -36.95 -14.60
C TYR D 63 -14.04 -36.09 -15.36
N SER D 64 -14.02 -36.19 -16.70
CA SER D 64 -13.10 -35.39 -17.49
C SER D 64 -13.40 -33.89 -17.38
N ILE D 65 -14.68 -33.52 -17.44
CA ILE D 65 -15.05 -32.12 -17.32
C ILE D 65 -14.65 -31.56 -15.95
N ILE D 66 -14.93 -32.32 -14.89
CA ILE D 66 -14.55 -31.90 -13.55
C ILE D 66 -13.04 -31.77 -13.44
N PHE D 67 -12.31 -32.73 -14.00
CA PHE D 67 -10.85 -32.69 -13.97
C PHE D 67 -10.33 -31.42 -14.62
N LEU D 68 -10.83 -31.12 -15.83
CA LEU D 68 -10.34 -29.94 -16.54
C LEU D 68 -10.66 -28.66 -15.78
N THR D 69 -11.91 -28.50 -15.34
CA THR D 69 -12.28 -27.27 -14.64
C THR D 69 -11.51 -27.11 -13.34
N GLY D 70 -11.38 -28.20 -12.58
CA GLY D 70 -10.66 -28.11 -11.31
C GLY D 70 -9.18 -27.82 -11.49
N ILE D 71 -8.53 -28.48 -12.47
CA ILE D 71 -7.11 -28.23 -12.67
C ILE D 71 -6.89 -26.78 -13.10
N VAL D 72 -7.76 -26.26 -13.98
CA VAL D 72 -7.61 -24.88 -14.42
C VAL D 72 -7.77 -23.92 -13.24
N GLY D 73 -8.85 -24.09 -12.47
CA GLY D 73 -9.10 -23.19 -11.37
C GLY D 73 -8.02 -23.22 -10.31
N ASN D 74 -7.61 -24.42 -9.91
CA ASN D 74 -6.59 -24.53 -8.87
C ASN D 74 -5.23 -24.05 -9.36
N GLY D 75 -4.88 -24.29 -10.62
CA GLY D 75 -3.66 -23.74 -11.15
C GLY D 75 -3.67 -22.23 -11.14
N LEU D 76 -4.79 -21.62 -11.53
CA LEU D 76 -4.89 -20.16 -11.47
C LEU D 76 -4.75 -19.64 -10.04
N VAL D 77 -5.39 -20.32 -9.08
CA VAL D 77 -5.33 -19.86 -7.69
C VAL D 77 -3.90 -19.96 -7.16
N ILE D 78 -3.22 -21.07 -7.44
CA ILE D 78 -1.83 -21.22 -7.00
C ILE D 78 -0.94 -20.18 -7.64
N LEU D 79 -1.12 -19.94 -8.95
CA LEU D 79 -0.30 -18.96 -9.64
C LEU D 79 -0.51 -17.56 -9.07
N VAL D 80 -1.75 -17.21 -8.74
CA VAL D 80 -2.01 -15.89 -8.18
C VAL D 80 -1.43 -15.77 -6.78
N MET D 81 -1.61 -16.81 -5.95
CA MET D 81 -1.10 -16.74 -4.58
C MET D 81 0.42 -16.69 -4.54
N GLY D 82 1.08 -17.47 -5.39
CA GLY D 82 2.54 -17.51 -5.36
C GLY D 82 3.17 -16.20 -5.79
N TYR D 83 2.59 -15.55 -6.81
CA TYR D 83 3.15 -14.30 -7.35
C TYR D 83 2.54 -13.10 -6.62
N GLN D 84 2.64 -13.13 -5.30
CA GLN D 84 2.16 -12.06 -4.44
C GLN D 84 3.35 -11.43 -3.73
N LYS D 85 3.63 -10.17 -4.05
CA LYS D 85 4.80 -9.49 -3.47
C LYS D 85 4.59 -9.12 -2.02
N LYS D 86 3.37 -8.68 -1.66
CA LYS D 86 3.10 -8.20 -0.31
C LYS D 86 3.02 -9.36 0.67
N LEU D 87 2.70 -9.04 1.92
CA LEU D 87 2.60 -10.05 2.96
C LEU D 87 1.37 -10.92 2.75
N ARG D 88 1.39 -12.09 3.38
CA ARG D 88 0.30 -13.05 3.28
C ARG D 88 -0.65 -12.86 4.47
N SER D 89 -1.91 -12.57 4.17
CA SER D 89 -2.91 -12.35 5.20
C SER D 89 -3.32 -13.68 5.83
N MET D 90 -4.20 -13.60 6.83
CA MET D 90 -4.64 -14.81 7.53
C MET D 90 -5.55 -15.68 6.68
N THR D 91 -6.11 -15.14 5.60
CA THR D 91 -7.03 -15.89 4.76
C THR D 91 -6.39 -16.41 3.47
N ASP D 92 -5.19 -15.96 3.13
CA ASP D 92 -4.50 -16.49 1.97
C ASP D 92 -3.89 -17.86 2.24
N LYS D 93 -3.45 -18.10 3.48
CA LYS D 93 -2.96 -19.42 3.84
C LYS D 93 -4.04 -20.48 3.72
N TYR D 94 -5.27 -20.14 4.15
CA TYR D 94 -6.39 -21.05 3.97
C TYR D 94 -6.67 -21.30 2.51
N ARG D 95 -6.56 -20.27 1.67
CA ARG D 95 -6.74 -20.45 0.23
C ARG D 95 -5.69 -21.42 -0.32
N LEU D 96 -4.45 -21.28 0.11
CA LEU D 96 -3.39 -22.18 -0.36
C LEU D 96 -3.65 -23.61 0.06
N HIS D 97 -4.05 -23.82 1.33
CA HIS D 97 -4.35 -25.17 1.80
C HIS D 97 -5.50 -25.79 1.01
N LEU D 98 -6.59 -25.02 0.83
CA LEU D 98 -7.74 -25.54 0.10
C LEU D 98 -7.39 -25.85 -1.34
N SER D 99 -6.60 -24.98 -1.98
CA SER D 99 -6.21 -25.21 -3.36
C SER D 99 -5.35 -26.44 -3.50
N VAL D 100 -4.44 -26.67 -2.55
CA VAL D 100 -3.62 -27.87 -2.60
C VAL D 100 -4.48 -29.13 -2.45
N ALA D 101 -5.40 -29.12 -1.49
CA ALA D 101 -6.26 -30.29 -1.30
C ALA D 101 -7.10 -30.57 -2.54
N ASP D 102 -7.67 -29.50 -3.13
CA ASP D 102 -8.42 -29.68 -4.36
C ASP D 102 -7.54 -30.14 -5.51
N LEU D 103 -6.27 -29.73 -5.53
CA LEU D 103 -5.35 -30.18 -6.57
C LEU D 103 -5.13 -31.69 -6.48
N LEU D 104 -4.89 -32.20 -5.27
CA LEU D 104 -4.76 -33.65 -5.11
C LEU D 104 -6.04 -34.38 -5.52
N PHE D 105 -7.19 -33.86 -5.08
CA PHE D 105 -8.46 -34.51 -5.44
C PHE D 105 -8.68 -34.47 -6.95
N VAL D 106 -8.21 -33.43 -7.62
CA VAL D 106 -8.35 -33.34 -9.07
C VAL D 106 -7.45 -34.35 -9.76
N ILE D 107 -6.17 -34.42 -9.34
CA ILE D 107 -5.25 -35.33 -9.99
C ILE D 107 -5.53 -36.80 -9.71
N THR D 108 -6.35 -37.10 -8.70
CA THR D 108 -6.72 -38.49 -8.48
C THR D 108 -7.91 -38.95 -9.33
N LEU D 109 -8.46 -38.06 -10.17
CA LEU D 109 -9.64 -38.34 -11.00
C LEU D 109 -9.38 -39.19 -12.24
N PRO D 110 -8.31 -38.94 -13.02
CA PRO D 110 -8.14 -39.71 -14.27
C PRO D 110 -8.11 -41.21 -14.07
N PHE D 111 -7.58 -41.71 -12.96
CA PHE D 111 -7.59 -43.15 -12.72
C PHE D 111 -9.03 -43.67 -12.59
N TRP D 112 -9.89 -42.93 -11.88
CA TRP D 112 -11.29 -43.31 -11.80
C TRP D 112 -11.97 -43.25 -13.16
N ALA D 113 -11.64 -42.23 -13.96
CA ALA D 113 -12.23 -42.13 -15.29
C ALA D 113 -11.83 -43.31 -16.16
N VAL D 114 -10.55 -43.69 -16.11
CA VAL D 114 -10.08 -44.85 -16.88
C VAL D 114 -10.78 -46.12 -16.40
N ASP D 115 -10.85 -46.30 -15.08
CA ASP D 115 -11.53 -47.47 -14.53
C ASP D 115 -12.98 -47.54 -15.00
N ALA D 116 -13.65 -46.39 -15.09
CA ALA D 116 -14.98 -46.35 -15.67
C ALA D 116 -14.95 -46.79 -17.13
N VAL D 117 -13.97 -46.32 -17.90
CA VAL D 117 -13.85 -46.74 -19.29
C VAL D 117 -13.37 -48.18 -19.37
N ALA D 118 -12.17 -48.45 -18.85
CA ALA D 118 -11.59 -49.79 -18.87
C ALA D 118 -11.13 -50.15 -17.47
N ASN D 119 -11.53 -51.33 -17.00
CA ASN D 119 -11.34 -51.70 -15.61
C ASN D 119 -9.86 -51.71 -15.23
N TRP D 120 -9.61 -51.75 -13.93
CA TRP D 120 -8.28 -51.51 -13.40
C TRP D 120 -7.28 -52.56 -13.89
N TYR D 121 -6.16 -52.08 -14.46
CA TYR D 121 -5.07 -52.93 -14.88
C TYR D 121 -3.73 -52.25 -14.60
N PHE D 122 -3.71 -51.34 -13.62
CA PHE D 122 -2.55 -50.52 -13.36
C PHE D 122 -1.62 -51.10 -12.30
N GLY D 123 -1.99 -52.20 -11.66
CA GLY D 123 -1.17 -52.81 -10.63
C GLY D 123 -1.84 -52.76 -9.27
N ASN D 124 -1.07 -53.14 -8.26
CA ASN D 124 -1.55 -53.19 -6.88
C ASN D 124 -1.12 -52.00 -6.05
N PHE D 125 0.14 -51.57 -6.18
CA PHE D 125 0.64 -50.44 -5.40
C PHE D 125 -0.04 -49.13 -5.83
N LEU D 126 -0.27 -48.96 -7.13
CA LEU D 126 -0.84 -47.72 -7.63
C LEU D 126 -2.25 -47.50 -7.10
N CYS D 127 -3.04 -48.57 -6.96
CA CYS D 127 -4.37 -48.43 -6.37
C CYS D 127 -4.28 -47.98 -4.93
N LYS D 128 -3.32 -48.53 -4.16
CA LYS D 128 -3.14 -48.09 -2.79
C LYS D 128 -2.79 -46.61 -2.72
N ALA D 129 -1.87 -46.16 -3.59
CA ALA D 129 -1.50 -44.76 -3.60
C ALA D 129 -2.69 -43.87 -3.98
N VAL D 130 -3.48 -44.30 -4.97
CA VAL D 130 -4.64 -43.52 -5.40
C VAL D 130 -5.65 -43.40 -4.27
N HIS D 131 -5.92 -44.51 -3.58
CA HIS D 131 -6.86 -44.47 -2.46
C HIS D 131 -6.36 -43.57 -1.34
N VAL D 132 -5.06 -43.64 -1.03
CA VAL D 132 -4.51 -42.80 0.03
C VAL D 132 -4.65 -41.32 -0.33
N ILE D 133 -4.30 -40.97 -1.56
CA ILE D 133 -4.39 -39.56 -1.98
C ILE D 133 -5.84 -39.10 -1.96
N TYR D 134 -6.76 -39.95 -2.44
CA TYR D 134 -8.18 -39.59 -2.46
C TYR D 134 -8.70 -39.32 -1.06
N THR D 135 -8.39 -40.21 -0.11
CA THR D 135 -8.86 -40.03 1.25
C THR D 135 -8.27 -38.77 1.87
N VAL D 136 -6.95 -38.54 1.67
CA VAL D 136 -6.30 -37.37 2.24
C VAL D 136 -6.97 -36.10 1.74
N SER D 137 -7.14 -35.98 0.42
CA SER D 137 -7.74 -34.78 -0.14
C SER D 137 -9.17 -34.60 0.33
N LEU D 138 -9.95 -35.69 0.33
CA LEU D 138 -11.37 -35.59 0.68
C LEU D 138 -11.55 -35.10 2.11
N TYR D 139 -10.76 -35.61 3.05
CA TYR D 139 -10.94 -35.16 4.42
C TYR D 139 -10.34 -33.78 4.66
N SER D 140 -9.17 -33.50 4.06
CA SER D 140 -8.51 -32.24 4.29
C SER D 140 -9.33 -31.07 3.76
N SER D 141 -10.02 -31.27 2.63
CA SER D 141 -10.82 -30.19 2.07
C SER D 141 -11.91 -29.72 3.04
N VAL D 142 -12.69 -30.67 3.57
CA VAL D 142 -13.79 -30.30 4.45
C VAL D 142 -13.26 -29.76 5.78
N LEU D 143 -12.15 -30.31 6.28
CA LEU D 143 -11.58 -29.77 7.51
C LEU D 143 -11.11 -28.33 7.32
N ILE D 144 -10.51 -28.04 6.16
CA ILE D 144 -10.08 -26.68 5.86
C ILE D 144 -11.28 -25.76 5.75
N LEU D 145 -12.37 -26.24 5.16
CA LEU D 145 -13.58 -25.42 5.09
C LEU D 145 -14.11 -25.07 6.48
N ALA D 146 -14.12 -26.05 7.38
CA ALA D 146 -14.56 -25.79 8.75
C ALA D 146 -13.64 -24.77 9.43
N PHE D 147 -12.33 -24.91 9.24
CA PHE D 147 -11.39 -23.95 9.84
C PHE D 147 -11.60 -22.55 9.28
N ILE D 148 -11.87 -22.44 7.98
CA ILE D 148 -12.14 -21.14 7.37
C ILE D 148 -13.38 -20.52 7.98
N SER D 149 -14.44 -21.32 8.18
CA SER D 149 -15.66 -20.79 8.79
C SER D 149 -15.39 -20.30 10.20
N LEU D 150 -14.61 -21.06 10.99
CA LEU D 150 -14.27 -20.63 12.33
C LEU D 150 -13.47 -19.34 12.33
N ASP D 151 -12.51 -19.22 11.41
CA ASP D 151 -11.71 -18.00 11.32
C ASP D 151 -12.57 -16.80 10.96
N ARG D 152 -13.51 -16.97 10.02
CA ARG D 152 -14.39 -15.87 9.66
C ARG D 152 -15.29 -15.47 10.81
N TYR D 153 -15.79 -16.45 11.58
CA TYR D 153 -16.57 -16.13 12.76
C TYR D 153 -15.76 -15.31 13.75
N LEU D 154 -14.52 -15.73 14.01
CA LEU D 154 -13.66 -14.98 14.93
C LEU D 154 -13.40 -13.57 14.42
N ALA D 155 -13.18 -13.41 13.11
CA ALA D 155 -12.86 -12.11 12.55
C ALA D 155 -14.06 -11.17 12.58
N ILE D 156 -15.28 -11.69 12.41
CA ILE D 156 -16.44 -10.82 12.34
C ILE D 156 -17.00 -10.53 13.72
N VAL D 157 -17.29 -11.58 14.50
CA VAL D 157 -17.94 -11.37 15.78
C VAL D 157 -17.00 -10.68 16.76
N HIS D 158 -15.76 -11.18 16.89
CA HIS D 158 -14.76 -10.55 17.74
C HIS D 158 -13.80 -9.75 16.86
N ALA D 159 -14.24 -8.55 16.49
CA ALA D 159 -13.50 -7.77 15.51
C ALA D 159 -12.22 -7.18 16.10
N THR D 160 -12.30 -6.65 17.31
CA THR D 160 -11.22 -5.86 17.88
C THR D 160 -10.26 -6.63 18.76
N ASN D 161 -10.75 -7.63 19.51
CA ASN D 161 -9.93 -8.34 20.48
C ASN D 161 -9.52 -9.73 20.00
N SER D 162 -9.58 -9.99 18.70
CA SER D 162 -9.19 -11.29 18.13
C SER D 162 -8.21 -11.06 16.98
N GLN D 163 -6.93 -10.94 17.33
CA GLN D 163 -5.85 -10.94 16.36
C GLN D 163 -4.79 -11.98 16.64
N ARG D 164 -4.52 -12.29 17.90
CA ARG D 164 -3.61 -13.35 18.31
C ARG D 164 -4.26 -14.73 18.22
N PRO D 165 -5.51 -14.92 18.68
CA PRO D 165 -6.13 -16.25 18.54
C PRO D 165 -6.20 -16.73 17.10
N ARG D 166 -6.52 -15.86 16.15
CA ARG D 166 -6.58 -16.28 14.75
C ARG D 166 -5.22 -16.72 14.24
N LYS D 167 -4.17 -15.95 14.56
CA LYS D 167 -2.83 -16.28 14.09
C LYS D 167 -2.37 -17.61 14.68
N LEU D 168 -2.54 -17.79 16.00
CA LEU D 168 -2.16 -19.05 16.62
C LEU D 168 -2.95 -20.21 16.03
N LEU D 169 -4.27 -20.04 15.90
CA LEU D 169 -5.13 -21.07 15.35
C LEU D 169 -4.62 -21.50 13.99
N ALA D 170 -4.41 -20.54 13.09
CA ALA D 170 -3.87 -20.91 11.78
C ALA D 170 -2.55 -21.64 11.93
N GLU D 171 -1.51 -20.92 12.38
CA GLU D 171 -0.14 -21.39 12.29
C GLU D 171 0.12 -22.72 12.99
N LYS D 172 -0.69 -23.09 13.98
CA LYS D 172 -0.48 -24.39 14.61
C LYS D 172 -1.64 -25.34 14.42
N VAL D 173 -2.85 -24.91 14.79
CA VAL D 173 -3.98 -25.81 14.76
C VAL D 173 -4.35 -26.20 13.34
N VAL D 174 -4.09 -25.36 12.33
CA VAL D 174 -4.38 -25.79 10.97
C VAL D 174 -3.60 -27.05 10.64
N TYR D 175 -2.27 -26.98 10.76
CA TYR D 175 -1.44 -28.15 10.56
C TYR D 175 -1.96 -29.33 11.34
N VAL D 176 -2.04 -29.19 12.67
CA VAL D 176 -2.37 -30.33 13.51
C VAL D 176 -3.73 -30.91 13.12
N GLY D 177 -4.79 -30.13 13.34
CA GLY D 177 -6.14 -30.64 13.25
C GLY D 177 -6.65 -30.85 11.84
N VAL D 178 -5.91 -30.41 10.83
CA VAL D 178 -6.33 -30.69 9.46
C VAL D 178 -5.54 -31.84 8.86
N TRP D 179 -4.22 -31.91 9.08
CA TRP D 179 -3.43 -32.90 8.38
C TRP D 179 -3.07 -34.12 9.22
N ILE D 180 -3.16 -34.08 10.55
CA ILE D 180 -2.88 -35.29 11.31
C ILE D 180 -4.10 -36.21 11.29
N PRO D 181 -5.32 -35.73 11.57
CA PRO D 181 -6.49 -36.61 11.40
C PRO D 181 -6.70 -37.10 9.99
N ALA D 182 -6.25 -36.36 8.97
CA ALA D 182 -6.36 -36.80 7.59
C ALA D 182 -5.38 -37.89 7.23
N LEU D 183 -4.16 -37.85 7.78
CA LEU D 183 -3.20 -38.92 7.55
C LEU D 183 -3.52 -40.15 8.39
N LEU D 184 -4.04 -39.96 9.60
CA LEU D 184 -4.37 -41.11 10.45
C LEU D 184 -5.56 -41.91 9.94
N LEU D 185 -6.36 -41.34 9.04
CA LEU D 185 -7.52 -42.03 8.49
C LEU D 185 -7.22 -42.79 7.22
N THR D 186 -5.97 -42.80 6.77
CA THR D 186 -5.56 -43.55 5.59
C THR D 186 -4.97 -44.91 5.92
N ILE D 187 -4.92 -45.28 7.20
CA ILE D 187 -4.43 -46.62 7.57
C ILE D 187 -5.28 -47.72 6.96
N PRO D 188 -6.62 -47.67 6.99
CA PRO D 188 -7.40 -48.70 6.29
C PRO D 188 -7.11 -48.77 4.79
N ASP D 189 -6.79 -47.63 4.17
CA ASP D 189 -6.41 -47.67 2.76
C ASP D 189 -5.12 -48.46 2.56
N PHE D 190 -4.14 -48.26 3.45
CA PHE D 190 -2.91 -49.03 3.35
C PHE D 190 -3.16 -50.51 3.60
N ILE D 191 -4.02 -50.84 4.55
CA ILE D 191 -4.17 -52.23 4.97
C ILE D 191 -5.03 -53.02 3.98
N PHE D 192 -6.18 -52.48 3.58
CA PHE D 192 -7.21 -53.28 2.92
C PHE D 192 -7.36 -53.04 1.43
N ALA D 193 -6.93 -51.89 0.92
CA ALA D 193 -7.13 -51.58 -0.49
C ALA D 193 -6.23 -52.46 -1.34
N ASN D 194 -6.81 -53.50 -1.94
CA ASN D 194 -6.07 -54.44 -2.76
C ASN D 194 -6.84 -54.72 -4.04
N VAL D 195 -6.11 -55.08 -5.08
CA VAL D 195 -6.70 -55.41 -6.37
C VAL D 195 -6.96 -56.91 -6.43
N SER D 196 -8.17 -57.28 -6.87
CA SER D 196 -8.60 -58.66 -6.94
C SER D 196 -9.26 -58.92 -8.28
N GLU D 197 -9.10 -60.14 -8.78
CA GLU D 197 -9.74 -60.55 -10.02
C GLU D 197 -11.09 -61.19 -9.71
N ALA D 198 -12.15 -60.68 -10.34
CA ALA D 198 -13.47 -61.26 -10.28
C ALA D 198 -13.92 -61.55 -11.70
N ASP D 199 -14.29 -62.81 -11.97
CA ASP D 199 -14.66 -63.28 -13.30
C ASP D 199 -13.47 -62.99 -14.22
N ASP D 200 -13.65 -62.30 -15.34
CA ASP D 200 -12.57 -61.94 -16.24
C ASP D 200 -12.06 -60.52 -16.01
N ARG D 201 -12.49 -59.87 -14.95
CA ARG D 201 -12.22 -58.46 -14.68
C ARG D 201 -11.30 -58.34 -13.47
N TYR D 202 -10.59 -57.21 -13.39
CA TYR D 202 -9.78 -56.85 -12.23
C TYR D 202 -10.33 -55.57 -11.63
N ILE D 203 -10.62 -55.58 -10.33
CA ILE D 203 -11.15 -54.42 -9.63
C ILE D 203 -10.42 -54.26 -8.32
N CYS D 204 -10.17 -53.01 -7.92
CA CYS D 204 -9.49 -52.74 -6.67
C CYS D 204 -10.33 -51.80 -5.81
N ASP D 205 -10.58 -52.21 -4.58
CA ASP D 205 -11.24 -51.39 -3.57
C ASP D 205 -10.99 -52.04 -2.22
N ARG D 206 -11.45 -51.38 -1.16
CA ARG D 206 -11.27 -51.91 0.18
C ARG D 206 -11.99 -53.25 0.32
N PHE D 207 -11.30 -54.24 0.87
CA PHE D 207 -11.83 -55.58 1.06
C PHE D 207 -11.79 -55.91 2.55
N TYR D 208 -12.95 -55.85 3.20
CA TYR D 208 -13.02 -56.08 4.63
C TYR D 208 -13.27 -57.55 4.95
N PRO D 209 -12.80 -58.02 6.10
CA PRO D 209 -13.04 -59.43 6.46
C PRO D 209 -14.51 -59.81 6.55
N ASN D 210 -15.36 -58.91 7.03
CA ASN D 210 -16.78 -59.21 7.18
C ASN D 210 -17.55 -57.89 7.16
N ASP D 211 -18.88 -57.98 7.34
CA ASP D 211 -19.74 -56.82 7.18
C ASP D 211 -19.63 -55.84 8.34
N LEU D 212 -19.22 -56.31 9.52
CA LEU D 212 -19.12 -55.41 10.66
C LEU D 212 -18.10 -54.30 10.42
N TRP D 213 -16.95 -54.66 9.84
CA TRP D 213 -15.95 -53.64 9.51
C TRP D 213 -16.50 -52.67 8.48
N VAL D 214 -17.23 -53.17 7.48
CA VAL D 214 -17.82 -52.29 6.47
C VAL D 214 -18.75 -51.29 7.13
N VAL D 215 -19.61 -51.76 8.04
CA VAL D 215 -20.59 -50.88 8.67
C VAL D 215 -19.89 -49.84 9.54
N VAL D 216 -18.93 -50.27 10.35
CA VAL D 216 -18.27 -49.32 11.26
C VAL D 216 -17.46 -48.30 10.47
N PHE D 217 -16.82 -48.71 9.38
CA PHE D 217 -16.03 -47.76 8.60
C PHE D 217 -16.91 -46.82 7.78
N GLN D 218 -18.07 -47.28 7.30
CA GLN D 218 -19.01 -46.36 6.67
C GLN D 218 -19.53 -45.34 7.67
N PHE D 219 -19.81 -45.78 8.90
CA PHE D 219 -20.25 -44.84 9.93
C PHE D 219 -19.16 -43.84 10.26
N GLN D 220 -17.91 -44.29 10.33
CA GLN D 220 -16.80 -43.36 10.56
C GLN D 220 -16.66 -42.37 9.42
N HIS D 221 -16.82 -42.83 8.18
CA HIS D 221 -16.75 -41.95 7.02
C HIS D 221 -17.82 -40.88 7.09
N ILE D 222 -19.05 -41.27 7.41
CA ILE D 222 -20.13 -40.29 7.55
C ILE D 222 -19.83 -39.31 8.68
N MET D 223 -19.38 -39.84 9.82
CA MET D 223 -19.16 -38.99 11.00
C MET D 223 -18.08 -37.96 10.76
N VAL D 224 -16.98 -38.35 10.09
CA VAL D 224 -15.88 -37.42 9.87
C VAL D 224 -16.10 -36.52 8.66
N GLY D 225 -16.90 -36.95 7.69
CA GLY D 225 -17.07 -36.18 6.47
C GLY D 225 -18.19 -35.15 6.49
N LEU D 226 -19.25 -35.39 7.25
CA LEU D 226 -20.42 -34.53 7.20
C LEU D 226 -20.77 -33.88 8.54
N ILE D 227 -20.85 -34.66 9.62
CA ILE D 227 -21.42 -34.13 10.86
C ILE D 227 -20.51 -33.06 11.48
N LEU D 228 -19.22 -33.35 11.61
CA LEU D 228 -18.36 -32.39 12.31
C LEU D 228 -18.14 -31.11 11.51
N PRO D 229 -17.60 -31.15 10.28
CA PRO D 229 -17.49 -29.90 9.50
C PRO D 229 -18.84 -29.26 9.23
N GLY D 230 -19.89 -30.07 9.04
CA GLY D 230 -21.21 -29.50 8.81
C GLY D 230 -21.71 -28.69 9.99
N ILE D 231 -21.59 -29.24 11.20
CA ILE D 231 -21.99 -28.51 12.38
C ILE D 231 -21.16 -27.25 12.56
N VAL D 232 -19.84 -27.35 12.38
CA VAL D 232 -18.99 -26.17 12.57
C VAL D 232 -19.37 -25.06 11.58
N ILE D 233 -19.49 -25.42 10.29
CA ILE D 233 -19.80 -24.44 9.27
C ILE D 233 -21.17 -23.83 9.52
N LEU D 234 -22.18 -24.68 9.78
CA LEU D 234 -23.53 -24.19 9.98
C LEU D 234 -23.62 -23.25 11.18
N SER D 235 -23.00 -23.64 12.30
CA SER D 235 -23.04 -22.80 13.49
C SER D 235 -22.37 -21.45 13.25
N CYS D 236 -21.14 -21.47 12.71
CA CYS D 236 -20.40 -20.22 12.52
C CYS D 236 -21.14 -19.30 11.54
N TYR D 237 -21.61 -19.85 10.42
CA TYR D 237 -22.23 -19.00 9.41
C TYR D 237 -23.62 -18.55 9.82
N CYS D 238 -24.32 -19.32 10.65
CA CYS D 238 -25.62 -18.88 11.15
C CYS D 238 -25.46 -17.81 12.21
N ILE D 239 -24.39 -17.86 13.01
CA ILE D 239 -24.12 -16.78 13.95
C ILE D 239 -23.71 -15.51 13.19
N ILE D 240 -22.93 -15.67 12.12
CA ILE D 240 -22.52 -14.50 11.32
C ILE D 240 -23.73 -13.85 10.65
N ILE D 241 -24.62 -14.66 10.09
CA ILE D 241 -25.76 -14.11 9.35
C ILE D 241 -26.67 -13.30 10.25
N SER D 242 -26.92 -13.77 11.48
CA SER D 242 -27.87 -13.10 12.35
C SER D 242 -27.42 -11.68 12.70
N LYS D 243 -26.10 -11.44 12.73
CA LYS D 243 -25.58 -10.12 13.05
C LYS D 243 -25.52 -9.19 11.85
N LEU D 244 -25.74 -9.70 10.64
CA LEU D 244 -25.72 -8.89 9.43
C LEU D 244 -27.08 -8.71 8.80
N SER D 245 -28.13 -9.33 9.36
CA SER D 245 -29.45 -9.28 8.73
C SER D 245 -30.10 -7.91 8.91
N HIS D 246 -29.97 -7.31 10.09
CA HIS D 246 -30.62 -6.04 10.39
C HIS D 246 -29.78 -4.84 9.98
N SER D 247 -28.60 -5.05 9.43
CA SER D 247 -27.75 -3.93 9.04
C SER D 247 -28.33 -3.22 7.82
N LYS D 248 -27.92 -1.96 7.63
CA LYS D 248 -28.42 -1.12 6.56
C LYS D 248 -27.40 -0.81 5.48
N GLY D 249 -26.11 -0.92 5.76
CA GLY D 249 -25.10 -0.55 4.79
C GLY D 249 -25.09 -1.48 3.59
N HIS D 250 -24.57 -0.94 2.48
CA HIS D 250 -24.47 -1.73 1.25
C HIS D 250 -23.51 -2.90 1.43
N GLN D 251 -22.33 -2.63 2.02
CA GLN D 251 -21.31 -3.66 2.18
C GLN D 251 -21.73 -4.77 3.12
N LYS D 252 -22.75 -4.56 3.95
CA LYS D 252 -23.27 -5.60 4.83
C LYS D 252 -24.49 -6.30 4.24
N ARG D 253 -24.83 -6.01 2.98
CA ARG D 253 -25.84 -6.77 2.26
C ARG D 253 -25.26 -7.67 1.19
N LYS D 254 -24.08 -7.35 0.65
CA LYS D 254 -23.42 -8.27 -0.27
C LYS D 254 -22.86 -9.48 0.47
N ALA D 255 -22.20 -9.25 1.61
CA ALA D 255 -21.60 -10.34 2.36
C ALA D 255 -22.65 -11.36 2.76
N LEU D 256 -23.79 -10.89 3.27
CA LEU D 256 -24.91 -11.78 3.53
C LEU D 256 -25.28 -12.57 2.29
N LYS D 257 -25.43 -11.88 1.15
CA LYS D 257 -25.76 -12.55 -0.10
C LYS D 257 -24.67 -13.54 -0.52
N THR D 258 -23.46 -13.40 0.00
CA THR D 258 -22.40 -14.35 -0.27
C THR D 258 -22.29 -15.43 0.81
N THR D 259 -22.81 -15.18 2.01
CA THR D 259 -22.70 -16.17 3.07
C THR D 259 -23.76 -17.25 2.93
N VAL D 260 -25.02 -16.86 2.74
CA VAL D 260 -26.11 -17.83 2.63
C VAL D 260 -25.91 -18.75 1.44
N ILE D 261 -25.15 -18.32 0.43
CA ILE D 261 -24.81 -19.20 -0.67
C ILE D 261 -23.88 -20.32 -0.21
N LEU D 262 -22.82 -19.95 0.52
CA LEU D 262 -21.78 -20.91 0.87
C LEU D 262 -22.35 -22.12 1.59
N ILE D 263 -23.19 -21.88 2.61
CA ILE D 263 -23.84 -22.96 3.33
C ILE D 263 -24.50 -23.93 2.34
N LEU D 264 -25.34 -23.40 1.46
CA LEU D 264 -25.98 -24.25 0.46
C LEU D 264 -24.95 -25.02 -0.34
N ALA D 265 -23.92 -24.32 -0.84
CA ALA D 265 -22.92 -24.95 -1.68
C ALA D 265 -22.22 -26.10 -0.96
N PHE D 266 -22.25 -26.11 0.36
CA PHE D 266 -21.77 -27.29 1.08
C PHE D 266 -22.79 -28.41 1.00
N PHE D 267 -23.98 -28.18 1.57
CA PHE D 267 -24.92 -29.28 1.75
C PHE D 267 -25.47 -29.77 0.43
N ALA D 268 -25.79 -28.86 -0.48
CA ALA D 268 -26.27 -29.26 -1.80
C ALA D 268 -25.23 -30.08 -2.55
N CYS D 269 -23.97 -30.02 -2.13
CA CYS D 269 -22.95 -30.88 -2.73
C CYS D 269 -22.76 -32.18 -1.96
N TRP D 270 -22.98 -32.18 -0.64
CA TRP D 270 -22.61 -33.32 0.18
C TRP D 270 -23.79 -34.02 0.85
N LEU D 271 -24.86 -33.31 1.18
CA LEU D 271 -25.96 -33.93 1.92
C LEU D 271 -26.61 -35.09 1.19
N PRO D 272 -26.95 -35.01 -0.10
CA PRO D 272 -27.56 -36.19 -0.75
C PRO D 272 -26.67 -37.41 -0.74
N TYR D 273 -25.38 -37.24 -1.07
CA TYR D 273 -24.48 -38.39 -1.23
C TYR D 273 -24.44 -39.23 0.03
N TYR D 274 -24.17 -38.61 1.18
CA TYR D 274 -24.13 -39.37 2.42
C TYR D 274 -25.48 -40.01 2.73
N ILE D 275 -26.57 -39.34 2.36
CA ILE D 275 -27.89 -39.95 2.51
C ILE D 275 -27.94 -41.28 1.76
N GLY D 276 -27.43 -41.28 0.52
CA GLY D 276 -27.35 -42.53 -0.22
C GLY D 276 -26.54 -43.58 0.51
N ILE D 277 -25.45 -43.16 1.16
CA ILE D 277 -24.70 -44.10 1.99
C ILE D 277 -25.50 -44.44 3.24
N SER D 278 -26.16 -43.45 3.84
CA SER D 278 -26.86 -43.68 5.10
C SER D 278 -27.95 -44.73 4.95
N ILE D 279 -28.70 -44.68 3.84
CA ILE D 279 -29.67 -45.74 3.56
C ILE D 279 -28.94 -47.06 3.32
N ASP D 280 -27.85 -47.01 2.54
CA ASP D 280 -27.17 -48.24 2.13
C ASP D 280 -26.69 -49.04 3.34
N SER D 281 -26.08 -48.35 4.31
CA SER D 281 -25.63 -49.03 5.51
C SER D 281 -26.80 -49.71 6.23
N PHE D 282 -27.96 -49.06 6.26
CA PHE D 282 -29.13 -49.67 6.88
C PHE D 282 -29.53 -50.95 6.16
N ILE D 283 -29.27 -51.05 4.85
CA ILE D 283 -29.51 -52.29 4.14
C ILE D 283 -28.54 -53.36 4.61
N LEU D 284 -27.28 -52.97 4.88
CA LEU D 284 -26.28 -53.93 5.32
C LEU D 284 -26.57 -54.43 6.73
N LEU D 285 -27.31 -53.65 7.52
CA LEU D 285 -27.63 -54.03 8.90
C LEU D 285 -28.87 -54.89 8.99
N GLU D 286 -29.48 -55.25 7.86
CA GLU D 286 -30.66 -56.14 7.83
C GLU D 286 -31.83 -55.55 8.62
N ILE D 287 -32.00 -54.23 8.52
CA ILE D 287 -33.17 -53.56 9.10
C ILE D 287 -34.07 -52.95 8.04
N ILE D 288 -33.67 -52.97 6.77
CA ILE D 288 -34.48 -52.49 5.66
C ILE D 288 -34.68 -53.67 4.72
N LYS D 289 -35.94 -54.02 4.45
CA LYS D 289 -36.28 -55.26 3.75
C LYS D 289 -37.15 -54.96 2.54
N GLN D 290 -36.53 -54.91 1.36
CA GLN D 290 -37.23 -54.91 0.08
C GLN D 290 -36.46 -55.78 -0.90
N GLY D 291 -36.89 -55.78 -2.15
CA GLY D 291 -36.30 -56.62 -3.16
C GLY D 291 -35.02 -56.05 -3.74
N CYS D 292 -34.49 -56.76 -4.75
CA CYS D 292 -33.25 -56.35 -5.39
C CYS D 292 -33.40 -55.05 -6.18
N GLU D 293 -34.63 -54.67 -6.53
CA GLU D 293 -34.84 -53.40 -7.23
C GLU D 293 -34.43 -52.23 -6.34
N PHE D 294 -34.75 -52.30 -5.05
CA PHE D 294 -34.35 -51.25 -4.13
C PHE D 294 -32.82 -51.15 -4.03
N GLU D 295 -32.14 -52.30 -3.98
CA GLU D 295 -30.68 -52.27 -3.93
C GLU D 295 -30.10 -51.69 -5.22
N ASN D 296 -30.67 -52.05 -6.37
CA ASN D 296 -30.17 -51.52 -7.64
C ASN D 296 -30.37 -50.01 -7.73
N THR D 297 -31.54 -49.52 -7.32
CA THR D 297 -31.78 -48.08 -7.39
C THR D 297 -30.95 -47.33 -6.35
N VAL D 298 -30.67 -47.95 -5.20
CA VAL D 298 -29.76 -47.34 -4.23
C VAL D 298 -28.36 -47.23 -4.81
N HIS D 299 -27.89 -48.28 -5.49
CA HIS D 299 -26.58 -48.24 -6.12
C HIS D 299 -26.51 -47.15 -7.18
N LYS D 300 -27.55 -47.05 -8.02
CA LYS D 300 -27.57 -46.02 -9.05
C LYS D 300 -27.59 -44.63 -8.44
N TRP D 301 -28.39 -44.44 -7.38
CA TRP D 301 -28.45 -43.14 -6.71
C TRP D 301 -27.10 -42.78 -6.11
N ILE D 302 -26.43 -43.74 -5.47
CA ILE D 302 -25.13 -43.46 -4.87
C ILE D 302 -24.12 -43.07 -5.94
N SER D 303 -24.10 -43.80 -7.06
CA SER D 303 -23.14 -43.48 -8.12
C SER D 303 -23.39 -42.10 -8.69
N ILE D 304 -24.65 -41.80 -9.02
CA ILE D 304 -24.98 -40.51 -9.63
C ILE D 304 -24.68 -39.37 -8.66
N THR D 305 -25.05 -39.53 -7.39
CA THR D 305 -24.87 -38.45 -6.44
C THR D 305 -23.40 -38.27 -6.07
N GLU D 306 -22.60 -39.34 -6.10
CA GLU D 306 -21.16 -39.19 -5.91
C GLU D 306 -20.54 -38.44 -7.07
N ALA D 307 -20.98 -38.75 -8.30
CA ALA D 307 -20.52 -37.97 -9.45
C ALA D 307 -20.88 -36.51 -9.29
N LEU D 308 -22.07 -36.23 -8.77
CA LEU D 308 -22.46 -34.84 -8.49
C LEU D 308 -21.57 -34.21 -7.42
N ALA D 309 -21.30 -34.95 -6.35
CA ALA D 309 -20.54 -34.42 -5.22
C ALA D 309 -19.08 -34.19 -5.56
N PHE D 310 -18.57 -34.83 -6.61
CA PHE D 310 -17.19 -34.59 -7.03
C PHE D 310 -16.96 -33.19 -7.57
N PHE D 311 -17.97 -32.31 -7.55
CA PHE D 311 -17.88 -30.97 -8.11
C PHE D 311 -17.28 -29.95 -7.13
N HIS D 312 -17.02 -30.34 -5.89
CA HIS D 312 -16.50 -29.38 -4.92
C HIS D 312 -15.10 -28.91 -5.29
N CYS D 313 -14.28 -29.81 -5.84
CA CYS D 313 -12.90 -29.45 -6.18
C CYS D 313 -12.82 -28.36 -7.23
N CYS D 314 -13.89 -28.17 -8.01
CA CYS D 314 -13.94 -27.08 -8.97
C CYS D 314 -14.83 -25.92 -8.54
N LEU D 315 -15.80 -26.16 -7.66
CA LEU D 315 -16.62 -25.06 -7.17
C LEU D 315 -15.89 -24.21 -6.14
N ASN D 316 -15.01 -24.83 -5.34
CA ASN D 316 -14.31 -24.07 -4.30
C ASN D 316 -13.48 -22.91 -4.84
N PRO D 317 -12.70 -23.05 -5.92
CA PRO D 317 -12.01 -21.86 -6.45
C PRO D 317 -12.96 -20.74 -6.84
N ILE D 318 -14.14 -21.08 -7.35
CA ILE D 318 -15.10 -20.05 -7.75
C ILE D 318 -15.61 -19.29 -6.52
N LEU D 319 -15.90 -20.01 -5.44
CA LEU D 319 -16.56 -19.40 -4.29
C LEU D 319 -15.57 -18.72 -3.36
N TYR D 320 -14.56 -19.46 -2.89
CA TYR D 320 -13.68 -18.94 -1.85
C TYR D 320 -12.59 -18.01 -2.38
N ALA D 321 -12.35 -17.98 -3.69
CA ALA D 321 -11.28 -17.14 -4.24
C ALA D 321 -11.80 -16.09 -5.19
N PHE D 322 -12.55 -16.48 -6.24
CA PHE D 322 -12.86 -15.56 -7.33
C PHE D 322 -13.98 -14.58 -7.01
N LEU D 323 -14.76 -14.81 -5.95
CA LEU D 323 -15.86 -13.91 -5.65
C LEU D 323 -15.38 -12.62 -5.01
N GLY D 324 -14.35 -12.69 -4.17
CA GLY D 324 -13.87 -11.50 -3.48
C GLY D 324 -13.22 -10.51 -4.44
N ALA D 325 -13.43 -9.22 -4.14
CA ALA D 325 -12.83 -8.17 -4.95
C ALA D 325 -11.33 -8.05 -4.68
N LYS D 326 -10.91 -8.32 -3.45
CA LYS D 326 -9.48 -8.27 -3.13
C LYS D 326 -8.69 -9.26 -3.97
N PHE D 327 -9.19 -10.49 -4.10
CA PHE D 327 -8.51 -11.48 -4.90
C PHE D 327 -8.48 -11.09 -6.37
N LYS D 328 -9.57 -10.51 -6.87
CA LYS D 328 -9.59 -10.08 -8.27
C LYS D 328 -8.58 -8.97 -8.53
N THR D 329 -8.48 -8.00 -7.61
CA THR D 329 -7.49 -6.94 -7.75
C THR D 329 -6.08 -7.51 -7.71
N SER D 330 -5.82 -8.44 -6.80
CA SER D 330 -4.52 -9.08 -6.73
C SER D 330 -4.21 -9.85 -8.01
N ALA D 331 -5.20 -10.55 -8.57
CA ALA D 331 -5.00 -11.27 -9.81
C ALA D 331 -4.72 -10.31 -10.97
N GLN D 332 -5.39 -9.15 -11.00
CA GLN D 332 -5.14 -8.19 -12.05
C GLN D 332 -3.72 -7.62 -11.96
N HIS D 333 -3.23 -7.35 -10.75
CA HIS D 333 -1.82 -6.97 -10.62
C HIS D 333 -0.88 -8.10 -11.02
N ALA D 334 -1.22 -9.33 -10.66
CA ALA D 334 -0.34 -10.46 -10.98
C ALA D 334 -0.27 -10.70 -12.49
N LEU D 335 -1.38 -10.48 -13.19
CA LEU D 335 -1.39 -10.68 -14.63
C LEU D 335 -0.48 -9.67 -15.33
N THR D 336 -0.49 -8.42 -14.89
CA THR D 336 0.34 -7.39 -15.49
C THR D 336 1.68 -7.28 -14.76
C1 CLR E . 2.37 -21.87 5.36
C2 CLR E . 2.50 -20.39 5.59
C3 CLR E . 3.54 -19.78 4.71
C4 CLR E . 3.20 -20.06 3.23
C5 CLR E . 2.94 -21.53 2.94
C6 CLR E . 3.50 -22.05 1.86
C7 CLR E . 3.31 -23.53 1.43
C8 CLR E . 2.19 -24.21 2.23
C9 CLR E . 2.28 -23.79 3.71
C10 CLR E . 2.03 -22.28 3.93
C11 CLR E . 1.42 -24.67 4.62
C12 CLR E . 1.68 -26.17 4.42
C13 CLR E . 1.37 -26.54 2.97
C14 CLR E . 2.39 -25.70 2.11
C15 CLR E . 2.30 -26.32 0.69
C16 CLR E . 1.95 -27.83 0.98
C17 CLR E . 1.85 -27.98 2.55
C18 CLR E . -0.06 -26.31 2.56
C19 CLR E . 0.56 -21.96 3.61
C20 CLR E . 0.93 -29.14 2.91
C21 CLR E . 1.05 -29.63 4.37
C22 CLR E . 1.42 -30.33 2.00
C23 CLR E . 0.87 -31.68 2.47
C24 CLR E . 1.24 -32.66 1.31
C25 CLR E . 0.58 -34.02 1.60
C26 CLR E . 1.04 -34.99 0.50
C27 CLR E . 0.80 -34.52 3.02
O1 CLR E . 3.71 -18.39 4.91
C10 VH6 F . -25.14 -51.09 -3.58
C13 VH6 F . -26.18 -53.71 -2.37
C15 VH6 F . -23.26 -49.28 -2.03
C17 VH6 F . -21.85 -48.12 -3.84
C20 VH6 F . -20.15 -46.98 -2.08
C21 VH6 F . -21.20 -47.78 -1.64
C22 VH6 F . -18.74 -45.81 -3.93
C24 VH6 F . -16.33 -45.75 -3.08
C26 VH6 F . -13.72 -45.36 -3.22
C28 VH6 F . -14.11 -43.45 -4.77
C02 VH6 F . -24.38 -53.23 0.99
C03 VH6 F . -22.99 -53.73 0.51
C05 VH6 F . -20.81 -52.54 0.29
C06 VH6 F . -21.21 -51.18 -0.33
C07 VH6 F . -21.66 -51.22 -1.82
C09 VH6 F . -23.63 -51.32 -3.35
C12 VH6 F . -26.85 -52.34 -2.30
C14 VH6 F . -25.16 -54.00 -1.24
C16 VH6 F . -22.11 -48.40 -2.51
C18 VH6 F . -20.81 -47.33 -4.28
C19 VH6 F . -19.88 -46.71 -3.42
C25 VH6 F . -14.91 -46.37 -3.19
C29 VH6 F . -14.34 -43.16 -6.28
C31 VH6 F . -15.59 -44.01 -8.24
C32 VH6 F . -16.31 -45.24 -8.82
C33 VH6 F . -17.83 -45.29 -8.56
C35 VH6 F . -17.91 -46.65 -6.45
C36 VH6 F . -16.80 -46.56 -5.36
N01 VH6 F . -25.36 -53.09 -0.10
N04 VH6 F . -21.86 -53.08 1.20
N08 VH6 F . -23.09 -50.78 -2.05
N11 VH6 F . -25.93 -51.18 -2.34
N23 VH6 F . -17.35 -46.49 -3.94
N27 VH6 F . -13.50 -44.77 -4.55
N30 VH6 F . -14.84 -44.35 -7.01
N34 VH6 F . -18.15 -45.35 -7.12
#